data_5YMV
#
_entry.id   5YMV
#
_cell.length_a   65.270
_cell.length_b   101.531
_cell.length_c   74.205
_cell.angle_alpha   90.00
_cell.angle_beta   106.25
_cell.angle_gamma   90.00
#
_symmetry.space_group_name_H-M   'P 1 21 1'
#
loop_
_entity.id
_entity.type
_entity.pdbx_description
1 polymer 'Class I histocompatibility antigen, F10 alpha chain'
2 polymer Beta-2-microglobulin
3 polymer ALA-VAL-LYS-GLY-VAL-GLY-THR-MET-VAL
4 water water
#
loop_
_entity_poly.entity_id
_entity_poly.type
_entity_poly.pdbx_seq_one_letter_code
_entity_poly.pdbx_strand_id
1 'polypeptide(L)'
;MELHTLRYIQTAMTDPGPGQPWFVTVGYVDGELFVHYNSTARRYVPRTEWIAAKADQQYWDGQTQIGQGNEQIDRENLGI
LQRRYNQTGGSHTVQWMYGCDILEGGPIRGYYQMAYDGRDFTAFDKGTMTFTAAVPEAVPTKRKWEEESEPERWKNYLEE
TCVEWLRRYVEYGKAELGRRERPEVRVWGKEADGILTLSCRAHGFYPRPIVVSWLKDGAVRGQDAHSGGIVPNGDGTYHT
WVTIDAQPGDGDKYQCRVEHASLPQPGLYSW
;
A,D
2 'polypeptide(L)'
;DLTPKVQVYSRFPASAGTKNVLNCFAAGFHPPKISITLMKDGVPMEGAQYSDMSFNDDWTFQRLVHADFTPSSGSTYACK
VEHETLKEPQVYKWDPEF
;
B,E
3 'polypeptide(L)' AVKGVGTMV C,F
#
# COMPACT_ATOMS: atom_id res chain seq x y z
N MET A 1 6.55 -10.68 -4.29
CA MET A 1 5.78 -9.93 -5.28
C MET A 1 6.53 -8.68 -5.74
N GLU A 2 6.48 -8.41 -7.04
CA GLU A 2 7.19 -7.29 -7.63
C GLU A 2 6.32 -6.04 -7.65
N LEU A 3 6.65 -5.08 -6.79
CA LEU A 3 5.90 -3.84 -6.70
C LEU A 3 6.66 -2.68 -7.34
N HIS A 4 5.94 -1.87 -8.12
CA HIS A 4 6.51 -0.67 -8.71
C HIS A 4 5.54 0.49 -8.56
N THR A 5 6.09 1.69 -8.40
CA THR A 5 5.24 2.86 -8.17
C THR A 5 5.66 4.03 -9.05
N LEU A 6 4.67 4.78 -9.51
CA LEU A 6 4.90 6.05 -10.19
C LEU A 6 4.18 7.15 -9.43
N ARG A 7 4.91 8.16 -9.01
CA ARG A 7 4.33 9.22 -8.21
C ARG A 7 4.77 10.59 -8.69
N TYR A 8 3.80 11.45 -9.00
CA TYR A 8 4.08 12.83 -9.32
C TYR A 8 3.54 13.71 -8.20
N ILE A 9 4.36 14.67 -7.77
CA ILE A 9 3.88 15.67 -6.81
C ILE A 9 4.11 17.05 -7.39
N GLN A 10 3.28 18.00 -6.98
CA GLN A 10 3.29 19.32 -7.60
C GLN A 10 2.99 20.38 -6.55
N THR A 11 3.83 21.41 -6.51
CA THR A 11 3.71 22.44 -5.49
C THR A 11 3.60 23.84 -6.10
N ALA A 12 2.57 24.57 -5.70
CA ALA A 12 2.39 25.96 -6.14
C ALA A 12 2.35 26.88 -4.92
N MET A 13 3.31 27.79 -4.83
CA MET A 13 3.46 28.64 -3.65
C MET A 13 3.33 30.12 -3.98
N THR A 14 2.70 30.87 -3.07
CA THR A 14 2.65 32.32 -3.18
C THR A 14 3.92 32.94 -2.59
N ASP A 15 4.61 32.16 -1.75
CA ASP A 15 5.80 32.66 -1.06
C ASP A 15 6.92 31.61 -1.01
N PRO A 16 7.65 31.44 -2.14
CA PRO A 16 8.65 30.37 -2.27
C PRO A 16 9.90 30.39 -1.33
N GLY A 17 10.59 31.49 -1.06
CA GLY A 17 10.37 32.82 -1.58
C GLY A 17 11.57 33.37 -2.32
N PRO A 18 12.58 33.87 -1.59
CA PRO A 18 13.73 34.58 -2.17
C PRO A 18 14.58 33.73 -3.12
N GLY A 19 14.50 34.02 -4.41
CA GLY A 19 15.29 33.33 -5.42
C GLY A 19 14.85 31.91 -5.67
N GLN A 20 13.66 31.57 -5.18
CA GLN A 20 13.12 30.22 -5.31
C GLN A 20 11.95 30.19 -6.29
N PRO A 21 11.80 29.07 -7.02
CA PRO A 21 10.67 28.91 -7.95
C PRO A 21 9.35 28.69 -7.20
N TRP A 22 8.31 29.38 -7.63
CA TRP A 22 7.02 29.31 -6.94
C TRP A 22 6.24 28.04 -7.32
N PHE A 23 6.57 27.47 -8.47
CA PHE A 23 5.90 26.26 -8.95
C PHE A 23 6.94 25.18 -9.22
N VAL A 24 6.73 24.01 -8.63
CA VAL A 24 7.66 22.89 -8.79
C VAL A 24 6.92 21.57 -8.91
N THR A 25 7.24 20.79 -9.94
CA THR A 25 6.72 19.44 -10.08
C THR A 25 7.88 18.45 -10.22
N VAL A 26 7.81 17.36 -9.48
CA VAL A 26 8.79 16.29 -9.64
C VAL A 26 8.09 14.94 -9.74
N GLY A 27 8.78 13.95 -10.31
CA GLY A 27 8.24 12.61 -10.40
C GLY A 27 9.17 11.56 -9.81
N TYR A 28 8.59 10.50 -9.28
CA TYR A 28 9.36 9.43 -8.65
C TYR A 28 8.97 8.06 -9.20
N VAL A 29 9.98 7.25 -9.50
CA VAL A 29 9.73 5.84 -9.85
C VAL A 29 10.37 4.95 -8.80
N ASP A 30 9.54 4.15 -8.14
CA ASP A 30 9.95 3.36 -6.98
C ASP A 30 10.65 4.22 -5.94
N GLY A 31 10.12 5.42 -5.71
CA GLY A 31 10.66 6.32 -4.70
C GLY A 31 11.84 7.13 -5.14
N GLU A 32 12.30 6.91 -6.37
CA GLU A 32 13.49 7.60 -6.88
C GLU A 32 13.13 8.72 -7.85
N LEU A 33 13.61 9.91 -7.52
CA LEU A 33 13.40 11.12 -8.33
C LEU A 33 13.96 10.92 -9.74
N PHE A 34 13.13 11.10 -10.77
CA PHE A 34 13.62 10.89 -12.13
C PHE A 34 13.29 12.02 -13.11
N VAL A 35 12.28 12.83 -12.82
CA VAL A 35 12.02 14.03 -13.63
C VAL A 35 11.72 15.26 -12.79
N HIS A 36 11.95 16.44 -13.36
CA HIS A 36 11.72 17.69 -12.63
C HIS A 36 11.31 18.86 -13.55
N TYR A 37 10.33 19.62 -13.08
CA TYR A 37 9.91 20.87 -13.75
C TYR A 37 9.73 21.96 -12.71
N ASN A 38 10.12 23.19 -13.04
CA ASN A 38 9.73 24.35 -12.24
C ASN A 38 9.46 25.58 -13.10
N SER A 39 8.93 26.63 -12.47
CA SER A 39 8.52 27.84 -13.16
C SER A 39 9.70 28.71 -13.60
N THR A 40 10.90 28.35 -13.17
CA THR A 40 12.10 29.08 -13.57
C THR A 40 12.63 28.58 -14.91
N ALA A 41 12.85 27.27 -15.01
CA ALA A 41 13.39 26.68 -16.23
C ALA A 41 12.30 26.47 -17.28
N ARG A 42 11.06 26.32 -16.81
CA ARG A 42 9.90 26.08 -17.66
C ARG A 42 10.10 24.90 -18.62
N ARG A 43 10.89 23.92 -18.19
CA ARG A 43 11.14 22.71 -18.97
C ARG A 43 11.35 21.50 -18.07
N TYR A 44 10.90 20.33 -18.53
CA TYR A 44 11.19 19.09 -17.82
C TYR A 44 12.62 18.64 -18.10
N VAL A 45 13.28 18.15 -17.06
CA VAL A 45 14.68 17.77 -17.11
C VAL A 45 14.86 16.42 -16.41
N PRO A 46 15.77 15.57 -16.91
CA PRO A 46 16.05 14.28 -16.28
C PRO A 46 16.73 14.41 -14.92
N ARG A 47 16.50 13.43 -14.04
CA ARG A 47 17.12 13.43 -12.72
C ARG A 47 17.87 12.12 -12.47
N THR A 48 17.73 11.17 -13.38
CA THR A 48 18.50 9.93 -13.34
C THR A 48 19.15 9.70 -14.69
N GLU A 49 20.23 8.93 -14.70
CA GLU A 49 20.93 8.62 -15.94
C GLU A 49 20.06 7.75 -16.84
N TRP A 50 19.26 6.86 -16.26
CA TRP A 50 18.51 5.92 -17.09
C TRP A 50 17.38 6.58 -17.87
N ILE A 51 16.78 7.63 -17.32
CA ILE A 51 15.76 8.36 -18.07
C ILE A 51 16.44 9.32 -19.05
N ALA A 52 17.62 9.80 -18.69
CA ALA A 52 18.36 10.70 -19.56
C ALA A 52 18.83 9.97 -20.82
N ALA A 53 19.18 8.70 -20.65
CA ALA A 53 19.71 7.89 -21.75
C ALA A 53 18.62 7.32 -22.64
N LYS A 54 17.46 7.04 -22.07
CA LYS A 54 16.43 6.31 -22.81
C LYS A 54 15.35 7.20 -23.40
N ALA A 55 15.16 8.40 -22.86
CA ALA A 55 14.12 9.29 -23.38
C ALA A 55 14.64 10.09 -24.58
N ASP A 56 13.75 10.34 -25.55
CA ASP A 56 14.11 11.17 -26.69
C ASP A 56 13.55 12.58 -26.50
N GLN A 57 13.87 13.47 -27.44
CA GLN A 57 13.50 14.87 -27.31
C GLN A 57 11.99 15.08 -27.33
N GLN A 58 11.30 14.21 -28.07
CA GLN A 58 9.84 14.26 -28.15
C GLN A 58 9.20 14.02 -26.78
N TYR A 59 9.83 13.17 -25.97
CA TYR A 59 9.35 12.92 -24.61
C TYR A 59 9.43 14.17 -23.77
N TRP A 60 10.63 14.74 -23.67
CA TRP A 60 10.84 15.96 -22.90
C TRP A 60 9.98 17.09 -23.41
N ASP A 61 9.88 17.20 -24.72
CA ASP A 61 9.00 18.19 -25.32
C ASP A 61 7.59 17.92 -24.78
N GLY A 62 6.95 16.83 -25.18
CA GLY A 62 5.65 16.45 -24.63
C GLY A 62 5.37 16.74 -23.17
N GLN A 63 6.34 16.46 -22.30
CA GLN A 63 6.17 16.68 -20.86
C GLN A 63 6.18 18.17 -20.48
N THR A 64 7.05 18.93 -21.15
CA THR A 64 7.22 20.37 -20.89
C THR A 64 5.93 21.17 -21.10
N GLN A 65 5.20 20.83 -22.16
CA GLN A 65 3.89 21.45 -22.43
C GLN A 65 2.84 21.22 -21.33
N ILE A 66 2.77 19.97 -20.85
CA ILE A 66 1.88 19.63 -19.76
C ILE A 66 2.35 20.35 -18.50
N GLY A 67 3.66 20.42 -18.35
CA GLY A 67 4.27 21.13 -17.24
C GLY A 67 3.92 22.61 -17.25
N GLN A 68 4.12 23.25 -18.39
CA GLN A 68 3.76 24.66 -18.56
C GLN A 68 2.25 24.84 -18.44
N GLY A 69 1.49 23.85 -18.89
CA GLY A 69 0.04 23.87 -18.74
C GLY A 69 -0.35 23.84 -17.27
N ASN A 70 0.29 22.95 -16.50
CA ASN A 70 0.02 22.83 -15.08
C ASN A 70 0.44 24.08 -14.29
N GLU A 71 1.53 24.71 -14.71
CA GLU A 71 2.00 25.94 -14.06
C GLU A 71 0.93 27.02 -14.15
N GLN A 72 0.38 27.20 -15.34
CA GLN A 72 -0.67 28.20 -15.57
C GLN A 72 -1.94 27.86 -14.80
N ILE A 73 -2.28 26.58 -14.75
CA ILE A 73 -3.49 26.14 -14.04
C ILE A 73 -3.40 26.43 -12.55
N ASP A 74 -2.25 26.13 -11.94
CA ASP A 74 -2.07 26.34 -10.52
C ASP A 74 -1.86 27.82 -10.19
N ARG A 75 -1.33 28.57 -11.14
CA ARG A 75 -1.25 30.02 -11.00
C ARG A 75 -2.64 30.60 -10.79
N GLU A 76 -3.60 30.10 -11.57
CA GLU A 76 -4.99 30.51 -11.45
C GLU A 76 -5.61 29.93 -10.18
N ASN A 77 -5.33 28.65 -9.92
CA ASN A 77 -5.87 27.95 -8.75
C ASN A 77 -5.52 28.65 -7.44
N LEU A 78 -4.29 29.17 -7.36
CA LEU A 78 -3.91 29.96 -6.20
C LEU A 78 -4.90 31.11 -6.03
N GLY A 79 -5.10 31.88 -7.10
CA GLY A 79 -6.05 32.99 -7.07
C GLY A 79 -7.48 32.58 -6.76
N ILE A 80 -7.96 31.53 -7.41
CA ILE A 80 -9.33 31.05 -7.23
C ILE A 80 -9.59 30.64 -5.79
N LEU A 81 -8.59 30.03 -5.18
CA LEU A 81 -8.76 29.52 -3.82
C LEU A 81 -8.72 30.58 -2.75
N GLN A 82 -7.99 31.69 -2.97
CA GLN A 82 -7.85 32.61 -1.82
C GLN A 82 -9.14 33.40 -1.81
N ARG A 83 -9.71 33.60 -2.99
CA ARG A 83 -10.98 34.33 -3.13
C ARG A 83 -12.14 33.51 -2.60
N ARG A 84 -12.02 32.20 -2.69
CA ARG A 84 -13.03 31.30 -2.16
C ARG A 84 -13.01 31.34 -0.64
N TYR A 85 -11.83 31.44 -0.07
CA TYR A 85 -11.67 31.51 1.38
C TYR A 85 -11.72 32.97 1.87
N ASN A 86 -12.07 33.88 0.98
CA ASN A 86 -12.11 35.31 1.27
C ASN A 86 -10.79 35.81 1.86
N GLN A 87 -9.70 35.35 1.25
CA GLN A 87 -8.36 35.78 1.66
C GLN A 87 -7.87 36.83 0.66
N THR A 88 -7.12 37.82 1.14
CA THR A 88 -6.66 38.91 0.29
C THR A 88 -5.18 38.78 -0.07
N GLY A 89 -4.39 38.15 0.80
CA GLY A 89 -2.97 37.99 0.56
C GLY A 89 -2.30 36.88 1.36
N GLY A 90 -1.02 37.05 1.64
CA GLY A 90 -0.29 36.14 2.51
C GLY A 90 0.33 34.92 1.86
N SER A 91 0.82 34.01 2.70
CA SER A 91 1.50 32.80 2.25
C SER A 91 0.52 31.65 2.08
N HIS A 92 0.44 31.12 0.86
CA HIS A 92 -0.46 30.01 0.58
C HIS A 92 0.19 28.99 -0.34
N THR A 93 -0.28 27.75 -0.28
CA THR A 93 0.27 26.68 -1.09
C THR A 93 -0.80 25.79 -1.69
N VAL A 94 -0.56 25.36 -2.92
CA VAL A 94 -1.35 24.34 -3.57
C VAL A 94 -0.46 23.12 -3.79
N GLN A 95 -0.95 21.94 -3.40
CA GLN A 95 -0.18 20.72 -3.53
C GLN A 95 -1.00 19.62 -4.20
N TRP A 96 -0.44 19.03 -5.25
CA TRP A 96 -1.05 17.88 -5.91
C TRP A 96 -0.16 16.66 -5.76
N MET A 97 -0.75 15.49 -5.59
CA MET A 97 -0.01 14.26 -5.84
C MET A 97 -0.89 13.25 -6.51
N TYR A 98 -0.33 12.58 -7.52
CA TYR A 98 -1.06 11.58 -8.25
C TYR A 98 -0.11 10.53 -8.81
N GLY A 99 -0.66 9.37 -9.13
CA GLY A 99 0.13 8.30 -9.68
C GLY A 99 -0.51 6.95 -9.48
N CYS A 100 0.26 5.89 -9.68
CA CYS A 100 -0.28 4.54 -9.61
C CYS A 100 0.74 3.55 -9.09
N ASP A 101 0.25 2.43 -8.58
CA ASP A 101 1.09 1.33 -8.16
C ASP A 101 0.74 0.09 -8.98
N ILE A 102 1.75 -0.64 -9.43
CA ILE A 102 1.50 -1.90 -10.10
C ILE A 102 2.13 -3.05 -9.32
N LEU A 103 1.47 -4.21 -9.37
CA LEU A 103 1.95 -5.39 -8.69
C LEU A 103 1.89 -6.55 -9.67
N GLU A 104 3.03 -7.24 -9.84
CA GLU A 104 3.15 -8.32 -10.81
C GLU A 104 2.65 -7.90 -12.19
N GLY A 105 2.92 -6.65 -12.57
CA GLY A 105 2.55 -6.13 -13.86
C GLY A 105 1.21 -5.42 -13.90
N GLY A 106 0.33 -5.76 -12.96
CA GLY A 106 -1.01 -5.19 -12.94
C GLY A 106 -1.20 -4.11 -11.89
N PRO A 107 -1.99 -3.08 -12.23
CA PRO A 107 -2.29 -1.97 -11.31
C PRO A 107 -3.05 -2.44 -10.08
N ILE A 108 -2.68 -1.93 -8.92
CA ILE A 108 -3.38 -2.25 -7.68
C ILE A 108 -3.98 -1.02 -7.03
N ARG A 109 -3.50 0.17 -7.42
CA ARG A 109 -4.12 1.40 -6.97
C ARG A 109 -3.74 2.60 -7.83
N GLY A 110 -4.60 3.61 -7.79
CA GLY A 110 -4.37 4.87 -8.49
C GLY A 110 -4.93 5.99 -7.65
N TYR A 111 -4.18 7.07 -7.51
CA TYR A 111 -4.61 8.16 -6.64
C TYR A 111 -4.44 9.52 -7.28
N TYR A 112 -5.25 10.47 -6.82
CA TYR A 112 -5.26 11.83 -7.35
C TYR A 112 -5.87 12.74 -6.30
N GLN A 113 -5.01 13.49 -5.61
CA GLN A 113 -5.47 14.28 -4.48
C GLN A 113 -4.75 15.62 -4.41
N MET A 114 -5.43 16.62 -3.86
CA MET A 114 -4.81 17.92 -3.70
C MET A 114 -5.06 18.49 -2.32
N ALA A 115 -4.19 19.40 -1.91
CA ALA A 115 -4.28 20.03 -0.61
C ALA A 115 -4.12 21.54 -0.74
N TYR A 116 -4.82 22.28 0.11
CA TYR A 116 -4.65 23.73 0.15
C TYR A 116 -4.13 24.14 1.52
N ASP A 117 -3.00 24.86 1.52
CA ASP A 117 -2.31 25.25 2.75
C ASP A 117 -1.98 24.05 3.64
N GLY A 118 -1.65 22.92 3.03
CA GLY A 118 -1.17 21.76 3.75
C GLY A 118 -2.24 20.86 4.33
N ARG A 119 -3.48 21.04 3.92
CA ARG A 119 -4.59 20.21 4.39
C ARG A 119 -5.43 19.70 3.24
N ASP A 120 -5.97 18.49 3.38
CA ASP A 120 -6.82 17.85 2.37
C ASP A 120 -7.91 18.80 1.88
N PHE A 121 -8.08 18.86 0.56
CA PHE A 121 -9.11 19.69 -0.04
C PHE A 121 -10.05 18.81 -0.85
N THR A 122 -9.48 18.07 -1.81
CA THR A 122 -10.24 17.10 -2.59
C THR A 122 -9.40 15.88 -2.91
N ALA A 123 -10.06 14.75 -3.11
CA ALA A 123 -9.37 13.52 -3.46
C ALA A 123 -10.25 12.63 -4.34
N PHE A 124 -9.63 12.05 -5.36
CA PHE A 124 -10.35 11.21 -6.29
C PHE A 124 -10.61 9.82 -5.71
N ASP A 125 -11.88 9.43 -5.66
CA ASP A 125 -12.25 8.07 -5.32
C ASP A 125 -12.57 7.32 -6.60
N LYS A 126 -11.59 6.61 -7.13
CA LYS A 126 -11.75 5.91 -8.40
C LYS A 126 -12.78 4.79 -8.30
N GLY A 127 -12.99 4.28 -7.09
CA GLY A 127 -13.95 3.23 -6.85
C GLY A 127 -15.38 3.66 -7.17
N THR A 128 -15.84 4.71 -6.50
CA THR A 128 -17.19 5.22 -6.70
C THR A 128 -17.24 6.26 -7.82
N MET A 129 -16.10 6.47 -8.46
CA MET A 129 -15.96 7.47 -9.53
C MET A 129 -16.42 8.84 -9.05
N THR A 130 -15.94 9.21 -7.87
CA THR A 130 -16.40 10.40 -7.15
C THR A 130 -15.23 11.17 -6.57
N PHE A 131 -15.35 12.51 -6.54
CA PHE A 131 -14.37 13.33 -5.84
C PHE A 131 -14.84 13.67 -4.43
N THR A 132 -14.01 13.34 -3.44
CA THR A 132 -14.36 13.60 -2.05
C THR A 132 -13.94 15.00 -1.62
N ALA A 133 -14.92 15.80 -1.18
CA ALA A 133 -14.64 17.13 -0.66
C ALA A 133 -14.30 17.06 0.82
N ALA A 134 -13.05 17.39 1.15
CA ALA A 134 -12.57 17.31 2.53
C ALA A 134 -13.09 18.45 3.39
N VAL A 135 -13.32 19.60 2.76
CA VAL A 135 -13.83 20.78 3.43
C VAL A 135 -15.02 21.35 2.65
N PRO A 136 -15.90 22.11 3.33
CA PRO A 136 -17.06 22.70 2.64
C PRO A 136 -16.67 23.57 1.46
N GLU A 137 -15.51 24.20 1.54
CA GLU A 137 -15.03 25.09 0.49
C GLU A 137 -14.70 24.33 -0.80
N ALA A 138 -14.66 23.01 -0.72
CA ALA A 138 -14.29 22.17 -1.85
C ALA A 138 -15.49 21.62 -2.60
N VAL A 139 -16.67 21.75 -2.01
CA VAL A 139 -17.90 21.26 -2.61
C VAL A 139 -18.18 21.85 -4.01
N PRO A 140 -17.97 23.16 -4.20
CA PRO A 140 -18.14 23.67 -5.58
C PRO A 140 -17.21 23.00 -6.58
N THR A 141 -16.00 22.67 -6.15
CA THR A 141 -15.02 22.01 -7.01
C THR A 141 -15.44 20.57 -7.30
N LYS A 142 -15.85 19.86 -6.26
CA LYS A 142 -16.35 18.49 -6.39
C LYS A 142 -17.43 18.38 -7.45
N ARG A 143 -18.37 19.32 -7.39
CA ARG A 143 -19.54 19.32 -8.25
C ARG A 143 -19.19 19.56 -9.72
N LYS A 144 -18.41 20.62 -9.98
CA LYS A 144 -18.07 20.98 -11.36
C LYS A 144 -17.18 19.94 -12.02
N TRP A 145 -16.32 19.29 -11.24
CA TRP A 145 -15.43 18.25 -11.76
C TRP A 145 -16.21 17.02 -12.20
N GLU A 146 -17.13 16.56 -11.35
CA GLU A 146 -17.98 15.42 -11.70
C GLU A 146 -18.91 15.79 -12.84
N GLU A 147 -19.33 17.06 -12.84
CA GLU A 147 -20.18 17.61 -13.88
C GLU A 147 -19.52 17.48 -15.25
N GLU A 148 -18.22 17.75 -15.31
CA GLU A 148 -17.47 17.72 -16.55
C GLU A 148 -16.77 16.39 -16.77
N SER A 149 -17.20 15.37 -16.03
CA SER A 149 -16.69 14.01 -16.17
C SER A 149 -15.17 13.91 -15.99
N GLU A 150 -14.64 14.69 -15.05
CA GLU A 150 -13.26 14.52 -14.61
C GLU A 150 -12.97 13.11 -14.06
N PRO A 151 -13.95 12.47 -13.37
CA PRO A 151 -13.69 11.09 -12.95
C PRO A 151 -13.33 10.14 -14.10
N GLU A 152 -14.01 10.26 -15.23
CA GLU A 152 -13.74 9.39 -16.37
C GLU A 152 -12.35 9.67 -16.94
N ARG A 153 -11.97 10.95 -16.95
CA ARG A 153 -10.68 11.35 -17.49
C ARG A 153 -9.52 10.86 -16.63
N TRP A 154 -9.71 10.85 -15.31
CA TRP A 154 -8.63 10.44 -14.41
C TRP A 154 -8.61 8.94 -14.19
N LYS A 155 -9.76 8.29 -14.29
CA LYS A 155 -9.81 6.83 -14.30
C LYS A 155 -8.99 6.31 -15.47
N ASN A 156 -9.17 6.96 -16.63
CA ASN A 156 -8.44 6.60 -17.83
C ASN A 156 -6.93 6.77 -17.67
N TYR A 157 -6.51 7.90 -17.08
CA TYR A 157 -5.10 8.15 -16.87
C TYR A 157 -4.49 7.17 -15.86
N LEU A 158 -5.16 7.00 -14.73
CA LEU A 158 -4.61 6.18 -13.64
C LEU A 158 -4.58 4.69 -13.95
N GLU A 159 -5.47 4.24 -14.82
CA GLU A 159 -5.56 2.81 -15.11
C GLU A 159 -4.90 2.42 -16.42
N GLU A 160 -4.71 3.38 -17.33
CA GLU A 160 -4.10 3.08 -18.61
C GLU A 160 -2.77 3.82 -18.80
N THR A 161 -2.84 5.14 -18.87
CA THR A 161 -1.68 5.97 -19.18
C THR A 161 -0.55 5.83 -18.15
N CYS A 162 -0.88 6.03 -16.89
CA CYS A 162 0.08 5.92 -15.80
C CYS A 162 0.74 4.55 -15.75
N VAL A 163 -0.07 3.50 -15.85
CA VAL A 163 0.41 2.12 -15.81
C VAL A 163 1.35 1.82 -16.98
N GLU A 164 0.93 2.22 -18.17
CA GLU A 164 1.70 2.00 -19.38
C GLU A 164 3.11 2.60 -19.27
N TRP A 165 3.19 3.84 -18.78
CA TRP A 165 4.47 4.52 -18.67
C TRP A 165 5.32 3.98 -17.53
N LEU A 166 4.67 3.63 -16.41
CA LEU A 166 5.40 3.02 -15.29
C LEU A 166 6.10 1.75 -15.72
N ARG A 167 5.40 0.92 -16.50
CA ARG A 167 6.01 -0.29 -17.06
C ARG A 167 7.23 0.04 -17.91
N ARG A 168 7.15 1.11 -18.69
CA ARG A 168 8.30 1.56 -19.49
C ARG A 168 9.46 2.01 -18.61
N TYR A 169 9.17 2.88 -17.65
CA TYR A 169 10.20 3.42 -16.76
C TYR A 169 10.94 2.31 -16.03
N VAL A 170 10.18 1.33 -15.55
CA VAL A 170 10.74 0.19 -14.84
C VAL A 170 11.72 -0.57 -15.74
N GLU A 171 11.35 -0.75 -17.00
CA GLU A 171 12.23 -1.41 -17.94
C GLU A 171 13.49 -0.57 -18.22
N TYR A 172 13.30 0.74 -18.39
CA TYR A 172 14.43 1.65 -18.61
C TYR A 172 15.45 1.60 -17.49
N GLY A 173 14.97 1.59 -16.25
CA GLY A 173 15.84 1.71 -15.10
C GLY A 173 15.96 0.49 -14.22
N LYS A 174 15.57 -0.66 -14.78
CA LYS A 174 15.59 -1.93 -14.05
C LYS A 174 16.92 -2.18 -13.31
N ALA A 175 18.03 -1.96 -14.02
CA ALA A 175 19.36 -2.21 -13.47
C ALA A 175 19.67 -1.34 -12.25
N GLU A 176 19.27 -0.07 -12.31
CA GLU A 176 19.60 0.87 -11.25
C GLU A 176 18.58 0.78 -10.11
N LEU A 177 17.32 0.61 -10.47
CA LEU A 177 16.24 0.52 -9.49
C LEU A 177 16.39 -0.72 -8.61
N GLY A 178 16.87 -1.82 -9.19
CA GLY A 178 16.96 -3.08 -8.48
C GLY A 178 18.30 -3.37 -7.83
N ARG A 179 19.19 -2.39 -7.84
CA ARG A 179 20.52 -2.59 -7.28
C ARG A 179 20.49 -2.61 -5.75
N ARG A 180 21.54 -3.18 -5.16
CA ARG A 180 21.69 -3.18 -3.71
C ARG A 180 23.08 -2.69 -3.32
N GLU A 181 23.13 -1.69 -2.46
CA GLU A 181 24.42 -1.19 -1.98
C GLU A 181 24.52 -1.30 -0.47
N ARG A 182 25.63 -1.88 -0.02
CA ARG A 182 25.93 -2.05 1.40
C ARG A 182 26.00 -0.72 2.13
N PRO A 183 25.48 -0.70 3.36
CA PRO A 183 25.75 0.44 4.24
C PRO A 183 27.17 0.37 4.81
N GLU A 184 27.78 1.52 5.01
CA GLU A 184 28.97 1.60 5.86
C GLU A 184 28.49 1.98 7.24
N VAL A 185 28.83 1.16 8.24
CA VAL A 185 28.30 1.35 9.58
C VAL A 185 29.37 1.79 10.58
N ARG A 186 29.06 2.80 11.37
CA ARG A 186 29.95 3.21 12.46
C ARG A 186 29.18 3.32 13.78
N VAL A 187 29.75 2.76 14.83
CA VAL A 187 29.21 2.91 16.17
C VAL A 187 30.09 3.88 16.95
N TRP A 188 29.47 4.88 17.57
CA TRP A 188 30.22 5.93 18.24
C TRP A 188 29.61 6.21 19.61
N GLY A 189 30.43 6.19 20.64
CA GLY A 189 29.97 6.45 21.99
C GLY A 189 30.41 7.82 22.48
N LYS A 190 29.53 8.48 23.23
CA LYS A 190 29.87 9.76 23.85
C LYS A 190 29.28 9.82 25.25
N GLU A 191 30.15 10.12 26.22
CA GLU A 191 29.74 10.11 27.62
C GLU A 191 29.62 11.52 28.18
N ALA A 192 28.45 11.84 28.70
CA ALA A 192 28.21 13.14 29.32
C ALA A 192 27.10 13.06 30.36
N ASP A 193 27.32 13.72 31.49
CA ASP A 193 26.31 13.83 32.54
C ASP A 193 25.82 12.47 33.06
N GLY A 194 26.74 11.51 33.14
CA GLY A 194 26.42 10.21 33.70
C GLY A 194 25.69 9.27 32.76
N ILE A 195 25.66 9.61 31.47
CA ILE A 195 25.01 8.77 30.48
C ILE A 195 25.91 8.47 29.30
N LEU A 196 26.05 7.19 28.96
CA LEU A 196 26.77 6.78 27.77
C LEU A 196 25.81 6.64 26.60
N THR A 197 25.81 7.62 25.71
CA THR A 197 24.96 7.58 24.52
C THR A 197 25.67 6.92 23.37
N LEU A 198 25.22 5.71 23.01
CA LEU A 198 25.77 5.00 21.87
C LEU A 198 24.97 5.29 20.61
N SER A 199 25.66 5.74 19.56
CA SER A 199 25.00 5.98 18.29
C SER A 199 25.48 5.00 17.24
N CYS A 200 24.58 4.59 16.38
CA CYS A 200 24.91 3.69 15.27
C CYS A 200 24.43 4.30 13.96
N ARG A 201 25.36 4.58 13.06
CA ARG A 201 25.02 5.20 11.78
C ARG A 201 25.30 4.26 10.62
N ALA A 202 24.30 4.11 9.74
CA ALA A 202 24.48 3.36 8.50
C ALA A 202 24.56 4.33 7.33
N HIS A 203 25.71 4.33 6.65
CA HIS A 203 25.97 5.28 5.58
C HIS A 203 25.85 4.66 4.19
N GLY A 204 25.12 5.33 3.30
CA GLY A 204 25.13 5.01 1.88
C GLY A 204 24.49 3.70 1.44
N PHE A 205 23.35 3.33 2.01
CA PHE A 205 22.69 2.09 1.61
C PHE A 205 21.56 2.33 0.60
N TYR A 206 21.31 1.32 -0.23
CA TYR A 206 20.21 1.30 -1.17
C TYR A 206 19.77 -0.15 -1.35
N PRO A 207 18.45 -0.40 -1.42
CA PRO A 207 17.32 0.55 -1.38
C PRO A 207 17.03 1.11 0.01
N ARG A 208 16.00 1.95 0.08
CA ARG A 208 15.68 2.74 1.26
C ARG A 208 15.31 1.93 2.52
N PRO A 209 14.46 0.89 2.40
CA PRO A 209 14.06 0.21 3.64
C PRO A 209 15.22 -0.44 4.39
N ILE A 210 15.22 -0.23 5.70
CA ILE A 210 16.29 -0.75 6.55
C ILE A 210 15.78 -0.80 7.99
N VAL A 211 16.32 -1.72 8.77
CA VAL A 211 16.06 -1.76 10.21
C VAL A 211 17.36 -1.78 10.97
N VAL A 212 17.54 -0.80 11.86
CA VAL A 212 18.72 -0.72 12.71
C VAL A 212 18.29 -0.81 14.16
N SER A 213 18.74 -1.87 14.84
CA SER A 213 18.33 -2.12 16.22
C SER A 213 19.53 -2.25 17.16
N TRP A 214 19.31 -1.97 18.43
CA TRP A 214 20.34 -2.15 19.44
C TRP A 214 20.12 -3.44 20.21
N LEU A 215 21.19 -4.21 20.38
CA LEU A 215 21.14 -5.42 21.19
C LEU A 215 22.03 -5.26 22.43
N LYS A 216 21.49 -5.58 23.61
CA LYS A 216 22.33 -5.66 24.81
C LYS A 216 22.52 -7.12 25.22
N ASP A 217 23.77 -7.55 25.26
CA ASP A 217 24.14 -8.93 25.58
C ASP A 217 23.41 -9.95 24.69
N GLY A 218 23.02 -9.54 23.49
CA GLY A 218 22.40 -10.44 22.54
C GLY A 218 20.89 -10.37 22.48
N ALA A 219 20.30 -9.50 23.30
CA ALA A 219 18.84 -9.36 23.34
C ALA A 219 18.40 -8.03 22.77
N VAL A 220 17.37 -8.06 21.93
CA VAL A 220 16.86 -6.85 21.31
C VAL A 220 16.37 -5.87 22.37
N ARG A 221 16.92 -4.66 22.36
CA ARG A 221 16.59 -3.68 23.37
C ARG A 221 16.11 -2.37 22.77
N GLY A 222 14.79 -2.21 22.68
CA GLY A 222 14.21 -0.98 22.16
C GLY A 222 13.65 -0.10 23.27
N GLN A 223 14.39 0.02 24.36
CA GLN A 223 13.92 0.82 25.49
C GLN A 223 14.34 2.28 25.34
N ASP A 224 15.55 2.59 25.77
CA ASP A 224 16.06 3.95 25.65
C ASP A 224 16.69 4.21 24.28
N ALA A 225 16.05 3.74 23.21
CA ALA A 225 16.61 4.02 21.90
C ALA A 225 15.75 4.98 21.08
N HIS A 226 16.41 5.79 20.25
CA HIS A 226 15.76 6.80 19.42
C HIS A 226 16.32 6.72 18.01
N SER A 227 15.44 6.83 17.01
CA SER A 227 15.85 6.73 15.61
C SER A 227 15.58 8.03 14.87
N GLY A 228 16.53 8.44 14.04
CA GLY A 228 16.34 9.62 13.21
C GLY A 228 15.57 9.31 11.94
N GLY A 229 15.10 8.07 11.83
CA GLY A 229 14.40 7.63 10.63
C GLY A 229 15.35 7.51 9.46
N ILE A 230 14.79 7.30 8.26
CA ILE A 230 15.61 7.13 7.07
C ILE A 230 15.67 8.42 6.27
N VAL A 231 16.88 8.95 6.09
CA VAL A 231 17.09 10.25 5.44
C VAL A 231 18.00 10.11 4.22
N PRO A 232 17.82 10.98 3.22
CA PRO A 232 18.54 10.81 1.95
C PRO A 232 19.96 11.38 1.92
N ASN A 233 20.81 10.75 1.12
CA ASN A 233 22.08 11.36 0.73
C ASN A 233 21.89 12.09 -0.60
N GLY A 234 22.91 12.80 -1.06
CA GLY A 234 22.81 13.53 -2.31
C GLY A 234 22.89 12.67 -3.55
N ASP A 235 23.31 11.42 -3.38
CA ASP A 235 23.62 10.55 -4.51
C ASP A 235 22.64 9.39 -4.72
N GLY A 236 21.43 9.52 -4.19
CA GLY A 236 20.42 8.49 -4.37
C GLY A 236 20.50 7.34 -3.37
N THR A 237 21.48 7.39 -2.47
CA THR A 237 21.56 6.40 -1.40
C THR A 237 20.96 6.98 -0.13
N TYR A 238 20.94 6.20 0.94
CA TYR A 238 20.27 6.65 2.15
C TYR A 238 21.11 6.51 3.41
N HIS A 239 20.58 7.05 4.50
CA HIS A 239 21.30 7.18 5.77
C HIS A 239 20.30 7.04 6.90
N THR A 240 20.74 6.47 8.01
CA THR A 240 19.94 6.44 9.23
C THR A 240 20.83 6.30 10.45
N TRP A 241 20.38 6.84 11.57
CA TRP A 241 21.12 6.66 12.81
C TRP A 241 20.15 6.38 13.96
N VAL A 242 20.61 5.51 14.87
CA VAL A 242 19.84 5.12 16.04
C VAL A 242 20.74 5.22 17.27
N THR A 243 20.22 5.83 18.33
CA THR A 243 20.99 5.98 19.56
C THR A 243 20.36 5.17 20.68
N ILE A 244 21.16 4.85 21.69
CA ILE A 244 20.64 4.23 22.89
C ILE A 244 21.42 4.74 24.11
N ASP A 245 20.72 4.90 25.23
CA ASP A 245 21.35 5.39 26.45
C ASP A 245 21.80 4.21 27.30
N ALA A 246 23.06 4.24 27.72
CA ALA A 246 23.63 3.16 28.50
C ALA A 246 24.41 3.74 29.67
N GLN A 247 24.89 2.86 30.55
CA GLN A 247 25.67 3.31 31.69
C GLN A 247 27.14 3.48 31.27
N PRO A 248 27.86 4.43 31.92
CA PRO A 248 29.28 4.67 31.66
C PRO A 248 30.13 3.40 31.67
N GLY A 249 30.95 3.23 30.64
CA GLY A 249 31.89 2.12 30.58
C GLY A 249 31.25 0.77 30.28
N ASP A 250 29.97 0.78 29.95
CA ASP A 250 29.24 -0.47 29.73
C ASP A 250 29.03 -0.74 28.25
N GLY A 251 29.76 -0.01 27.41
CA GLY A 251 29.61 -0.08 25.96
C GLY A 251 29.80 -1.44 25.31
N ASP A 252 30.65 -2.28 25.91
CA ASP A 252 30.97 -3.59 25.34
C ASP A 252 29.79 -4.54 25.26
N LYS A 253 28.75 -4.25 26.03
CA LYS A 253 27.60 -5.12 26.10
C LYS A 253 26.61 -4.86 24.97
N TYR A 254 26.85 -3.80 24.19
CA TYR A 254 25.91 -3.38 23.17
C TYR A 254 26.39 -3.65 21.75
N GLN A 255 25.49 -4.18 20.94
CA GLN A 255 25.73 -4.34 19.52
C GLN A 255 24.66 -3.66 18.71
N CYS A 256 25.07 -3.05 17.59
CA CYS A 256 24.14 -2.50 16.63
C CYS A 256 23.83 -3.54 15.57
N ARG A 257 22.55 -3.83 15.35
CA ARG A 257 22.16 -4.83 14.36
C ARG A 257 21.48 -4.17 13.15
N VAL A 258 21.99 -4.46 11.97
CA VAL A 258 21.49 -3.83 10.76
C VAL A 258 20.88 -4.86 9.81
N GLU A 259 19.60 -4.70 9.51
CA GLU A 259 18.91 -5.57 8.56
C GLU A 259 18.62 -4.81 7.28
N HIS A 260 19.15 -5.30 6.16
CA HIS A 260 19.03 -4.62 4.88
C HIS A 260 19.13 -5.63 3.76
N ALA A 261 18.51 -5.32 2.63
CA ALA A 261 18.46 -6.25 1.49
C ALA A 261 19.85 -6.60 0.95
N SER A 262 20.82 -5.71 1.16
CA SER A 262 22.19 -5.95 0.70
C SER A 262 22.95 -6.93 1.59
N LEU A 263 22.38 -7.24 2.75
CA LEU A 263 23.05 -8.13 3.69
C LEU A 263 22.32 -9.46 3.82
N PRO A 264 23.05 -10.58 3.63
CA PRO A 264 22.48 -11.93 3.69
C PRO A 264 21.98 -12.25 5.08
N GLN A 265 22.76 -11.89 6.09
CA GLN A 265 22.34 -11.95 7.48
C GLN A 265 22.51 -10.57 8.08
N PRO A 266 21.77 -10.26 9.15
CA PRO A 266 21.92 -8.96 9.79
C PRO A 266 23.37 -8.68 10.19
N GLY A 267 23.81 -7.44 9.98
CA GLY A 267 25.15 -7.05 10.36
C GLY A 267 25.19 -6.73 11.83
N LEU A 268 26.31 -7.06 12.49
CA LEU A 268 26.49 -6.74 13.90
C LEU A 268 27.76 -5.89 14.07
N TYR A 269 27.61 -4.77 14.77
CA TYR A 269 28.70 -3.81 14.90
C TYR A 269 28.84 -3.33 16.34
N SER A 270 30.08 -3.01 16.73
CA SER A 270 30.37 -2.60 18.10
C SER A 270 31.20 -1.33 18.15
N TRP A 271 31.28 -0.73 19.34
CA TRP A 271 32.03 0.52 19.54
C TRP A 271 33.53 0.31 19.36
N ASP B 1 2.36 20.63 14.93
CA ASP B 1 3.78 20.97 14.94
C ASP B 1 4.36 20.89 13.53
N LEU B 2 4.59 22.05 12.93
CA LEU B 2 5.10 22.11 11.57
C LEU B 2 6.48 22.75 11.52
N THR B 3 7.23 22.61 12.60
CA THR B 3 8.62 23.06 12.65
C THR B 3 9.52 22.10 11.87
N PRO B 4 10.64 22.61 11.34
CA PRO B 4 11.58 21.71 10.64
C PRO B 4 12.25 20.71 11.58
N LYS B 5 12.13 19.42 11.26
CA LYS B 5 12.88 18.39 11.95
C LYS B 5 14.19 18.21 11.21
N VAL B 6 15.30 18.54 11.86
CA VAL B 6 16.58 18.67 11.17
C VAL B 6 17.61 17.66 11.66
N GLN B 7 18.35 17.08 10.71
CA GLN B 7 19.47 16.20 11.01
C GLN B 7 20.69 16.64 10.21
N VAL B 8 21.87 16.48 10.79
CA VAL B 8 23.12 16.77 10.11
C VAL B 8 24.02 15.54 10.11
N TYR B 9 24.58 15.21 8.96
CA TYR B 9 25.34 13.97 8.81
C TYR B 9 26.22 14.03 7.57
N SER B 10 27.19 13.12 7.51
CA SER B 10 28.07 13.06 6.34
C SER B 10 27.74 11.83 5.50
N ARG B 11 28.03 11.92 4.20
CA ARG B 11 27.79 10.82 3.28
C ARG B 11 28.55 9.56 3.70
N PHE B 12 29.82 9.71 4.03
CA PHE B 12 30.64 8.60 4.48
C PHE B 12 31.03 8.79 5.95
N PRO B 13 31.36 7.69 6.64
CA PRO B 13 31.99 7.82 7.96
C PRO B 13 33.21 8.72 7.84
N ALA B 14 33.29 9.75 8.69
CA ALA B 14 34.25 10.82 8.48
C ALA B 14 35.63 10.51 9.04
N SER B 15 36.65 11.03 8.36
CA SER B 15 38.02 10.99 8.83
C SER B 15 38.70 12.31 8.49
N ALA B 16 39.62 12.74 9.33
CA ALA B 16 40.36 13.99 9.09
C ALA B 16 41.12 13.92 7.77
N GLY B 17 40.91 14.92 6.92
CA GLY B 17 41.64 15.02 5.67
C GLY B 17 41.07 14.24 4.51
N THR B 18 40.02 13.46 4.75
CA THR B 18 39.42 12.65 3.69
C THR B 18 38.18 13.32 3.11
N LYS B 19 38.11 13.41 1.79
CA LYS B 19 36.99 14.06 1.11
C LYS B 19 35.65 13.40 1.45
N ASN B 20 34.62 14.21 1.58
CA ASN B 20 33.32 13.75 2.06
C ASN B 20 32.21 14.69 1.60
N VAL B 21 30.98 14.43 2.02
CA VAL B 21 29.86 15.30 1.70
C VAL B 21 29.06 15.60 2.97
N LEU B 22 28.85 16.88 3.26
CA LEU B 22 28.09 17.27 4.46
C LEU B 22 26.62 17.45 4.15
N ASN B 23 25.76 16.76 4.89
CA ASN B 23 24.33 16.81 4.63
C ASN B 23 23.56 17.48 5.75
N CYS B 24 22.60 18.31 5.36
CA CYS B 24 21.62 18.84 6.30
C CYS B 24 20.21 18.61 5.76
N PHE B 25 19.43 17.82 6.49
CA PHE B 25 18.10 17.44 6.01
C PHE B 25 17.01 17.97 6.93
N ALA B 26 16.08 18.73 6.36
CA ALA B 26 14.94 19.25 7.10
C ALA B 26 13.64 18.65 6.56
N ALA B 27 12.73 18.28 7.47
CA ALA B 27 11.51 17.60 7.07
C ALA B 27 10.33 17.90 7.99
N GLY B 28 9.13 17.61 7.50
CA GLY B 28 7.92 17.74 8.30
C GLY B 28 7.48 19.17 8.58
N PHE B 29 7.90 20.10 7.74
CA PHE B 29 7.58 21.51 7.99
C PHE B 29 6.59 22.11 7.00
N HIS B 30 6.07 23.28 7.35
CA HIS B 30 5.13 24.04 6.53
C HIS B 30 4.96 25.43 7.16
N PRO B 31 4.98 26.49 6.34
CA PRO B 31 5.07 26.62 4.88
C PRO B 31 6.39 26.11 4.29
N PRO B 32 6.44 25.90 2.96
CA PRO B 32 7.62 25.37 2.28
C PRO B 32 8.81 26.32 2.25
N LYS B 33 8.60 27.62 2.43
CA LYS B 33 9.72 28.54 2.48
C LYS B 33 10.61 28.22 3.67
N ILE B 34 11.90 28.06 3.42
CA ILE B 34 12.84 27.72 4.48
C ILE B 34 14.26 28.10 4.08
N SER B 35 15.06 28.51 5.06
CA SER B 35 16.45 28.82 4.83
C SER B 35 17.33 27.77 5.50
N ILE B 36 18.22 27.17 4.72
CA ILE B 36 19.10 26.12 5.22
C ILE B 36 20.52 26.35 4.73
N THR B 37 21.44 26.63 5.66
CA THR B 37 22.81 26.95 5.29
C THR B 37 23.85 26.10 6.03
N LEU B 38 24.70 25.42 5.26
CA LEU B 38 25.81 24.66 5.81
C LEU B 38 26.94 25.60 6.20
N MET B 39 27.42 25.49 7.43
CA MET B 39 28.45 26.40 7.91
C MET B 39 29.70 25.70 8.43
N LYS B 40 30.85 26.28 8.11
CA LYS B 40 32.11 25.86 8.70
C LYS B 40 32.66 27.00 9.55
N ASP B 41 32.66 26.80 10.86
CA ASP B 41 33.10 27.83 11.81
C ASP B 41 32.32 29.12 11.64
N GLY B 42 31.00 28.99 11.54
CA GLY B 42 30.11 30.15 11.46
C GLY B 42 30.07 30.81 10.10
N VAL B 43 30.84 30.28 9.16
CA VAL B 43 30.90 30.84 7.81
C VAL B 43 30.29 29.88 6.80
N PRO B 44 29.38 30.39 5.94
CA PRO B 44 28.70 29.57 4.93
C PRO B 44 29.66 28.80 4.03
N MET B 45 29.36 27.52 3.80
CA MET B 45 30.22 26.68 2.97
C MET B 45 29.91 26.87 1.48
N GLU B 46 30.91 26.61 0.65
CA GLU B 46 30.80 26.76 -0.80
C GLU B 46 30.38 25.44 -1.45
N GLY B 47 29.74 25.54 -2.62
CA GLY B 47 29.35 24.35 -3.38
C GLY B 47 28.09 23.66 -2.88
N ALA B 48 27.30 24.36 -2.07
CA ALA B 48 26.08 23.78 -1.50
C ALA B 48 25.01 23.53 -2.56
N GLN B 49 24.40 22.35 -2.50
CA GLN B 49 23.34 21.95 -3.43
C GLN B 49 22.00 21.86 -2.71
N TYR B 50 20.93 22.30 -3.37
CA TYR B 50 19.61 22.33 -2.76
C TYR B 50 18.63 21.47 -3.53
N SER B 51 18.02 20.49 -2.84
CA SER B 51 17.04 19.62 -3.47
C SER B 51 15.80 20.42 -3.86
N ASP B 52 15.19 20.06 -4.98
CA ASP B 52 13.96 20.72 -5.41
C ASP B 52 12.87 20.48 -4.38
N MET B 53 11.92 21.39 -4.30
CA MET B 53 10.89 21.31 -3.26
C MET B 53 10.06 20.05 -3.42
N SER B 54 9.98 19.28 -2.34
CA SER B 54 9.23 18.03 -2.33
C SER B 54 8.49 17.88 -0.99
N PHE B 55 7.51 16.99 -0.96
CA PHE B 55 6.76 16.76 0.28
C PHE B 55 6.33 15.30 0.41
N ASN B 56 5.94 14.91 1.62
CA ASN B 56 5.54 13.54 1.90
C ASN B 56 4.06 13.29 1.70
N ASP B 57 3.60 12.11 2.13
CA ASP B 57 2.19 11.73 2.03
C ASP B 57 1.29 12.63 2.88
N ASP B 58 1.85 13.18 3.95
CA ASP B 58 1.07 14.02 4.86
C ASP B 58 1.16 15.50 4.49
N TRP B 59 1.61 15.75 3.25
CA TRP B 59 1.72 17.10 2.68
C TRP B 59 2.81 17.97 3.31
N THR B 60 3.51 17.46 4.32
CA THR B 60 4.59 18.22 4.93
C THR B 60 5.82 18.19 4.01
N PHE B 61 6.54 19.30 3.97
CA PHE B 61 7.65 19.45 3.04
C PHE B 61 8.98 18.96 3.60
N GLN B 62 9.93 18.76 2.70
CA GLN B 62 11.28 18.37 3.09
C GLN B 62 12.30 18.97 2.14
N ARG B 63 13.54 19.07 2.60
CA ARG B 63 14.61 19.58 1.76
C ARG B 63 15.97 19.06 2.22
N LEU B 64 16.77 18.63 1.25
CA LEU B 64 18.14 18.23 1.52
C LEU B 64 19.12 19.27 1.01
N VAL B 65 20.11 19.60 1.84
CA VAL B 65 21.19 20.47 1.41
C VAL B 65 22.51 19.75 1.64
N HIS B 66 23.32 19.69 0.60
CA HIS B 66 24.60 18.98 0.68
C HIS B 66 25.70 19.69 -0.07
N ALA B 67 26.92 19.58 0.46
CA ALA B 67 28.09 20.18 -0.17
C ALA B 67 29.32 19.32 0.06
N ASP B 68 30.16 19.20 -0.96
CA ASP B 68 31.43 18.51 -0.84
C ASP B 68 32.32 19.25 0.16
N PHE B 69 32.97 18.51 1.03
CA PHE B 69 33.85 19.11 2.02
C PHE B 69 34.92 18.13 2.45
N THR B 70 35.98 18.65 3.07
CA THR B 70 37.02 17.84 3.66
C THR B 70 37.14 18.22 5.13
N PRO B 71 36.48 17.44 6.01
CA PRO B 71 36.39 17.77 7.43
C PRO B 71 37.74 17.93 8.10
N SER B 72 38.00 19.13 8.63
CA SER B 72 39.25 19.41 9.33
C SER B 72 39.04 19.30 10.84
N SER B 73 40.00 18.70 11.53
CA SER B 73 39.94 18.64 12.99
C SER B 73 40.13 20.04 13.57
N GLY B 74 39.42 20.33 14.65
CA GLY B 74 39.48 21.66 15.24
C GLY B 74 38.60 22.64 14.49
N SER B 75 37.90 22.14 13.48
CA SER B 75 36.89 22.93 12.78
C SER B 75 35.49 22.46 13.19
N THR B 76 34.53 23.38 13.16
CA THR B 76 33.18 23.11 13.62
C THR B 76 32.19 23.24 12.47
N TYR B 77 31.43 22.18 12.23
CA TYR B 77 30.50 22.16 11.12
C TYR B 77 29.07 22.11 11.63
N ALA B 78 28.23 22.96 11.05
CA ALA B 78 26.85 23.08 11.51
C ALA B 78 25.89 23.42 10.37
N CYS B 79 24.61 23.47 10.71
CA CYS B 79 23.57 23.78 9.76
C CYS B 79 22.59 24.79 10.35
N LYS B 80 22.46 25.95 9.69
CA LYS B 80 21.59 27.00 10.20
C LYS B 80 20.22 26.98 9.52
N VAL B 81 19.18 26.84 10.32
CA VAL B 81 17.82 26.73 9.78
C VAL B 81 16.92 27.86 10.27
N GLU B 82 16.26 28.53 9.32
CA GLU B 82 15.31 29.58 9.64
C GLU B 82 13.94 29.27 9.04
N HIS B 83 12.90 29.34 9.87
CA HIS B 83 11.55 29.01 9.43
C HIS B 83 10.52 29.80 10.24
N GLU B 84 9.35 30.03 9.64
CA GLU B 84 8.30 30.84 10.26
C GLU B 84 7.84 30.31 11.62
N THR B 85 7.90 29.00 11.79
CA THR B 85 7.47 28.38 13.05
C THR B 85 8.55 28.51 14.11
N LEU B 86 9.72 28.97 13.69
CA LEU B 86 10.86 29.18 14.60
C LEU B 86 10.99 30.65 14.95
N LYS B 87 11.02 30.95 16.24
CA LYS B 87 11.16 32.33 16.71
C LYS B 87 12.56 32.87 16.46
N GLU B 88 13.54 31.96 16.41
CA GLU B 88 14.93 32.32 16.19
C GLU B 88 15.58 31.20 15.40
N PRO B 89 16.53 31.54 14.50
CA PRO B 89 17.41 30.59 13.84
C PRO B 89 17.89 29.45 14.76
N GLN B 90 17.81 28.22 14.25
CA GLN B 90 18.24 27.03 14.97
C GLN B 90 19.49 26.47 14.31
N VAL B 91 20.55 26.31 15.10
CA VAL B 91 21.81 25.80 14.58
C VAL B 91 22.02 24.36 15.01
N TYR B 92 22.16 23.46 14.04
CA TYR B 92 22.38 22.05 14.32
C TYR B 92 23.81 21.65 14.00
N LYS B 93 24.52 21.17 15.01
CA LYS B 93 25.95 20.91 14.87
C LYS B 93 26.22 19.48 14.40
N TRP B 94 27.15 19.34 13.47
CA TRP B 94 27.56 18.04 12.97
C TRP B 94 28.51 17.34 13.93
N ASP B 95 28.16 16.10 14.28
CA ASP B 95 29.03 15.26 15.10
C ASP B 95 29.90 14.41 14.17
N PRO B 96 31.20 14.74 14.10
CA PRO B 96 32.14 14.09 13.17
C PRO B 96 32.36 12.61 13.47
N GLU B 97 32.09 12.22 14.72
CA GLU B 97 32.25 10.84 15.18
C GLU B 97 33.64 10.29 14.89
N PHE B 98 34.64 11.16 15.02
CA PHE B 98 36.04 10.76 14.97
C PHE B 98 36.89 11.75 15.77
N ALA C 1 4.59 9.59 -17.27
CA ALA C 1 4.10 10.75 -18.02
C ALA C 1 3.08 11.52 -17.19
N VAL C 2 3.23 12.84 -17.17
CA VAL C 2 2.37 13.68 -16.35
C VAL C 2 1.02 13.93 -17.00
N LYS C 3 0.14 14.60 -16.27
CA LYS C 3 -1.16 14.99 -16.79
C LYS C 3 -1.57 16.33 -16.19
N GLY C 4 -2.40 17.08 -16.91
CA GLY C 4 -2.88 18.36 -16.42
C GLY C 4 -3.85 18.19 -15.26
N VAL C 5 -3.60 18.90 -14.16
CA VAL C 5 -4.47 18.83 -13.01
C VAL C 5 -5.74 19.65 -13.24
N GLY C 6 -6.66 19.58 -12.28
CA GLY C 6 -7.95 20.24 -12.42
C GLY C 6 -7.95 21.72 -12.09
N THR C 7 -8.97 22.43 -12.55
CA THR C 7 -9.15 23.83 -12.23
C THR C 7 -10.13 23.97 -11.07
N MET C 8 -9.77 24.77 -10.08
CA MET C 8 -10.59 24.96 -8.89
C MET C 8 -11.81 25.85 -9.13
N VAL C 9 -12.74 25.83 -8.19
CA VAL C 9 -13.95 26.64 -8.26
C VAL C 9 -14.12 27.47 -6.98
N MET D 1 10.41 -3.52 -6.84
CA MET D 1 10.60 -3.67 -5.40
C MET D 1 9.91 -4.93 -4.88
N GLU D 2 10.58 -5.64 -3.98
CA GLU D 2 10.05 -6.89 -3.46
C GLU D 2 9.09 -6.66 -2.29
N LEU D 3 7.80 -6.85 -2.54
CA LEU D 3 6.77 -6.72 -1.51
C LEU D 3 6.29 -8.08 -1.04
N HIS D 4 6.09 -8.23 0.26
CA HIS D 4 5.44 -9.42 0.81
C HIS D 4 4.48 -9.05 1.92
N THR D 5 3.43 -9.86 2.08
CA THR D 5 2.42 -9.56 3.07
C THR D 5 2.05 -10.78 3.91
N LEU D 6 1.78 -10.54 5.18
CA LEU D 6 1.25 -11.57 6.07
C LEU D 6 -0.02 -11.02 6.69
N ARG D 7 -1.12 -11.73 6.51
CA ARG D 7 -2.40 -11.24 7.00
C ARG D 7 -3.17 -12.34 7.71
N TYR D 8 -3.55 -12.08 8.95
CA TYR D 8 -4.42 -12.99 9.67
C TYR D 8 -5.78 -12.34 9.86
N ILE D 9 -6.83 -13.11 9.63
CA ILE D 9 -8.17 -12.64 9.94
C ILE D 9 -8.85 -13.64 10.85
N GLN D 10 -9.82 -13.16 11.61
CA GLN D 10 -10.45 -13.99 12.62
C GLN D 10 -11.92 -13.60 12.74
N THR D 11 -12.80 -14.60 12.67
CA THR D 11 -14.24 -14.35 12.74
C THR D 11 -14.90 -15.18 13.83
N ALA D 12 -15.67 -14.52 14.69
CA ALA D 12 -16.46 -15.20 15.72
C ALA D 12 -17.92 -14.83 15.54
N MET D 13 -18.76 -15.85 15.39
CA MET D 13 -20.17 -15.64 15.05
C MET D 13 -21.10 -16.24 16.08
N THR D 14 -22.23 -15.57 16.32
CA THR D 14 -23.30 -16.14 17.13
C THR D 14 -24.23 -16.94 16.21
N ASP D 15 -24.19 -16.64 14.92
CA ASP D 15 -25.10 -17.26 13.96
C ASP D 15 -24.40 -17.64 12.65
N PRO D 16 -23.59 -18.72 12.69
CA PRO D 16 -22.76 -19.11 11.53
C PRO D 16 -23.46 -19.53 10.20
N GLY D 17 -24.54 -20.32 10.15
CA GLY D 17 -25.18 -20.99 11.28
C GLY D 17 -25.19 -22.50 11.14
N PRO D 18 -26.20 -23.04 10.43
CA PRO D 18 -26.50 -24.48 10.42
C PRO D 18 -25.34 -25.38 9.99
N GLY D 19 -24.75 -26.08 10.96
CA GLY D 19 -23.66 -27.00 10.69
C GLY D 19 -22.33 -26.32 10.40
N GLN D 20 -22.28 -25.02 10.60
CA GLN D 20 -21.07 -24.23 10.34
C GLN D 20 -20.32 -23.92 11.62
N PRO D 21 -18.98 -23.83 11.53
CA PRO D 21 -18.18 -23.44 12.70
C PRO D 21 -18.41 -21.98 13.07
N TRP D 22 -18.57 -21.70 14.35
CA TRP D 22 -18.86 -20.35 14.81
C TRP D 22 -17.60 -19.49 14.88
N PHE D 23 -16.43 -20.13 14.95
CA PHE D 23 -15.16 -19.44 15.04
C PHE D 23 -14.22 -19.92 13.95
N VAL D 24 -13.71 -19.01 13.13
CA VAL D 24 -12.81 -19.35 12.04
C VAL D 24 -11.64 -18.36 11.92
N THR D 25 -10.42 -18.88 11.83
CA THR D 25 -9.24 -18.05 11.64
C THR D 25 -8.36 -18.56 10.50
N VAL D 26 -8.02 -17.68 9.56
CA VAL D 26 -7.13 -18.05 8.47
C VAL D 26 -6.00 -17.05 8.29
N GLY D 27 -4.92 -17.51 7.66
CA GLY D 27 -3.78 -16.64 7.38
C GLY D 27 -3.43 -16.62 5.91
N TYR D 28 -2.90 -15.49 5.45
CA TYR D 28 -2.52 -15.32 4.06
C TYR D 28 -1.08 -14.85 3.93
N VAL D 29 -0.33 -15.48 3.03
CA VAL D 29 0.98 -14.97 2.65
C VAL D 29 0.91 -14.54 1.19
N ASP D 30 1.23 -13.26 0.96
CA ASP D 30 1.15 -12.66 -0.37
C ASP D 30 -0.22 -12.94 -1.02
N GLY D 31 -1.28 -12.84 -0.22
CA GLY D 31 -2.63 -13.03 -0.72
C GLY D 31 -3.07 -14.48 -0.85
N GLU D 32 -2.17 -15.41 -0.52
CA GLU D 32 -2.47 -16.83 -0.66
C GLU D 32 -2.72 -17.50 0.69
N LEU D 33 -3.91 -18.07 0.84
CA LEU D 33 -4.32 -18.79 2.06
C LEU D 33 -3.34 -19.92 2.37
N PHE D 34 -2.78 -19.93 3.58
CA PHE D 34 -1.80 -20.98 3.89
C PHE D 34 -2.04 -21.71 5.23
N VAL D 35 -2.79 -21.12 6.15
CA VAL D 35 -3.17 -21.81 7.38
C VAL D 35 -4.64 -21.59 7.72
N HIS D 36 -5.22 -22.55 8.47
CA HIS D 36 -6.64 -22.49 8.81
C HIS D 36 -6.94 -23.14 10.16
N TYR D 37 -7.77 -22.47 10.95
CA TYR D 37 -8.26 -22.98 12.23
C TYR D 37 -9.75 -22.68 12.34
N ASN D 38 -10.55 -23.68 12.75
CA ASN D 38 -11.92 -23.40 13.14
C ASN D 38 -12.33 -24.10 14.44
N SER D 39 -13.50 -23.75 14.95
CA SER D 39 -13.99 -24.28 16.21
C SER D 39 -14.47 -25.73 16.14
N THR D 40 -14.48 -26.30 14.93
CA THR D 40 -14.87 -27.70 14.75
C THR D 40 -13.68 -28.64 14.87
N ALA D 41 -12.67 -28.41 14.03
CA ALA D 41 -11.45 -29.21 14.10
C ALA D 41 -10.62 -28.82 15.32
N ARG D 42 -10.59 -27.53 15.62
CA ARG D 42 -9.78 -26.99 16.71
C ARG D 42 -8.29 -27.30 16.54
N ARG D 43 -7.84 -27.37 15.29
CA ARG D 43 -6.43 -27.52 14.95
C ARG D 43 -6.05 -26.62 13.80
N TYR D 44 -4.83 -26.08 13.83
CA TYR D 44 -4.32 -25.38 12.67
C TYR D 44 -3.88 -26.38 11.61
N VAL D 45 -4.28 -26.13 10.37
CA VAL D 45 -4.04 -27.04 9.27
C VAL D 45 -3.39 -26.29 8.10
N PRO D 46 -2.43 -26.94 7.41
CA PRO D 46 -1.82 -26.35 6.21
C PRO D 46 -2.81 -26.20 5.07
N ARG D 47 -2.67 -25.13 4.29
CA ARG D 47 -3.52 -24.90 3.14
C ARG D 47 -2.71 -24.74 1.86
N THR D 48 -1.39 -24.78 1.98
CA THR D 48 -0.51 -24.90 0.83
C THR D 48 0.48 -26.03 1.08
N GLU D 49 0.97 -26.63 0.02
CA GLU D 49 1.90 -27.75 0.16
C GLU D 49 3.25 -27.29 0.74
N TRP D 50 3.62 -26.03 0.52
CA TRP D 50 4.93 -25.58 0.98
C TRP D 50 4.98 -25.35 2.49
N ILE D 51 3.87 -24.94 3.10
CA ILE D 51 3.86 -24.77 4.55
C ILE D 51 3.76 -26.14 5.22
N ALA D 52 3.09 -27.08 4.56
CA ALA D 52 2.96 -28.44 5.08
C ALA D 52 4.31 -29.14 5.09
N ALA D 53 5.09 -28.92 4.03
CA ALA D 53 6.35 -29.61 3.85
C ALA D 53 7.47 -29.04 4.72
N LYS D 54 7.40 -27.75 5.01
CA LYS D 54 8.52 -27.06 5.66
C LYS D 54 8.28 -26.77 7.15
N ALA D 55 7.03 -26.81 7.59
CA ALA D 55 6.74 -26.60 9.00
C ALA D 55 6.73 -27.91 9.76
N ASP D 56 7.34 -27.93 10.94
CA ASP D 56 7.37 -29.13 11.76
C ASP D 56 6.12 -29.24 12.63
N GLN D 57 6.01 -30.34 13.37
CA GLN D 57 4.82 -30.58 14.20
C GLN D 57 4.69 -29.55 15.32
N GLN D 58 5.82 -29.10 15.85
CA GLN D 58 5.78 -28.15 16.97
C GLN D 58 5.29 -26.78 16.51
N TYR D 59 5.41 -26.50 15.22
CA TYR D 59 4.84 -25.29 14.66
C TYR D 59 3.32 -25.39 14.72
N TRP D 60 2.79 -26.50 14.20
CA TRP D 60 1.35 -26.73 14.19
C TRP D 60 0.80 -26.81 15.61
N ASP D 61 1.56 -27.41 16.52
CA ASP D 61 1.16 -27.46 17.93
C ASP D 61 1.13 -26.06 18.53
N GLY D 62 2.21 -25.32 18.32
CA GLY D 62 2.32 -23.96 18.83
C GLY D 62 1.20 -23.07 18.34
N GLN D 63 0.88 -23.17 17.05
CA GLN D 63 -0.20 -22.35 16.49
C GLN D 63 -1.57 -22.77 17.03
N THR D 64 -1.79 -24.07 17.16
CA THR D 64 -3.06 -24.61 17.63
C THR D 64 -3.42 -24.08 19.02
N GLN D 65 -2.43 -24.03 19.91
CA GLN D 65 -2.65 -23.53 21.26
C GLN D 65 -3.10 -22.08 21.27
N ILE D 66 -2.52 -21.26 20.39
CA ILE D 66 -2.92 -19.86 20.26
C ILE D 66 -4.34 -19.78 19.71
N GLY D 67 -4.64 -20.62 18.72
CA GLY D 67 -5.95 -20.66 18.11
C GLY D 67 -7.02 -21.03 19.12
N GLN D 68 -6.75 -22.05 19.92
CA GLN D 68 -7.67 -22.46 20.97
C GLN D 68 -7.82 -21.36 22.00
N GLY D 69 -6.72 -20.65 22.27
CA GLY D 69 -6.75 -19.51 23.16
C GLY D 69 -7.64 -18.40 22.60
N ASN D 70 -7.47 -18.12 21.31
CA ASN D 70 -8.26 -17.09 20.65
C ASN D 70 -9.75 -17.43 20.58
N GLU D 71 -10.05 -18.71 20.38
CA GLU D 71 -11.43 -19.17 20.34
C GLU D 71 -12.12 -18.92 21.68
N GLN D 72 -11.45 -19.28 22.76
CA GLN D 72 -11.93 -19.02 24.11
C GLN D 72 -12.16 -17.52 24.34
N ILE D 73 -11.21 -16.71 23.90
CA ILE D 73 -11.28 -15.27 24.13
C ILE D 73 -12.46 -14.64 23.38
N ASP D 74 -12.63 -15.04 22.12
CA ASP D 74 -13.70 -14.47 21.30
C ASP D 74 -15.06 -15.00 21.72
N ARG D 75 -15.10 -16.20 22.28
CA ARG D 75 -16.34 -16.72 22.84
C ARG D 75 -16.84 -15.78 23.94
N GLU D 76 -15.95 -15.42 24.85
CA GLU D 76 -16.28 -14.48 25.92
C GLU D 76 -16.55 -13.07 25.39
N ASN D 77 -15.74 -12.65 24.41
CA ASN D 77 -15.87 -11.32 23.82
C ASN D 77 -17.25 -11.07 23.23
N LEU D 78 -17.83 -12.11 22.63
CA LEU D 78 -19.17 -12.03 22.09
C LEU D 78 -20.18 -11.72 23.18
N GLY D 79 -20.00 -12.32 24.35
CA GLY D 79 -20.88 -12.08 25.48
C GLY D 79 -20.68 -10.69 26.05
N ILE D 80 -19.41 -10.33 26.25
CA ILE D 80 -19.04 -9.02 26.78
C ILE D 80 -19.61 -7.88 25.94
N LEU D 81 -19.50 -8.02 24.62
CA LEU D 81 -19.97 -6.98 23.71
C LEU D 81 -21.49 -6.90 23.65
N GLN D 82 -22.16 -8.04 23.83
CA GLN D 82 -23.61 -8.04 23.86
C GLN D 82 -24.13 -7.23 25.05
N ARG D 83 -23.48 -7.38 26.19
CA ARG D 83 -23.84 -6.63 27.39
C ARG D 83 -23.52 -5.14 27.25
N ARG D 84 -22.46 -4.82 26.56
CA ARG D 84 -22.07 -3.45 26.37
C ARG D 84 -23.09 -2.67 25.57
N TYR D 85 -23.64 -3.27 24.52
CA TYR D 85 -24.65 -2.61 23.70
C TYR D 85 -26.05 -2.89 24.22
N ASN D 86 -26.11 -3.58 25.36
CA ASN D 86 -27.38 -3.99 25.98
C ASN D 86 -28.23 -4.82 25.02
N GLN D 87 -27.63 -5.88 24.49
CA GLN D 87 -28.31 -6.73 23.51
C GLN D 87 -28.69 -8.07 24.15
N THR D 88 -29.87 -8.56 23.79
CA THR D 88 -30.45 -9.75 24.42
C THR D 88 -29.98 -11.03 23.76
N GLY D 89 -30.02 -11.06 22.43
CA GLY D 89 -29.54 -12.19 21.66
C GLY D 89 -29.29 -11.78 20.23
N GLY D 90 -29.70 -12.62 19.29
CA GLY D 90 -29.64 -12.27 17.89
C GLY D 90 -28.31 -12.57 17.22
N SER D 91 -28.15 -12.07 16.00
CA SER D 91 -26.96 -12.34 15.19
C SER D 91 -25.89 -11.26 15.37
N HIS D 92 -24.75 -11.64 15.90
CA HIS D 92 -23.64 -10.71 16.12
C HIS D 92 -22.31 -11.35 15.73
N THR D 93 -21.35 -10.52 15.31
CA THR D 93 -20.05 -11.02 14.90
C THR D 93 -18.88 -10.19 15.41
N VAL D 94 -17.81 -10.89 15.76
CA VAL D 94 -16.53 -10.27 16.08
C VAL D 94 -15.55 -10.57 14.95
N GLN D 95 -14.83 -9.55 14.49
CA GLN D 95 -13.83 -9.73 13.44
C GLN D 95 -12.51 -9.08 13.81
N TRP D 96 -11.44 -9.87 13.71
CA TRP D 96 -10.08 -9.35 13.89
C TRP D 96 -9.31 -9.44 12.59
N MET D 97 -8.44 -8.46 12.35
CA MET D 97 -7.43 -8.63 11.31
C MET D 97 -6.15 -7.93 11.72
N TYR D 98 -5.05 -8.64 11.54
CA TYR D 98 -3.74 -8.11 11.91
C TYR D 98 -2.70 -8.74 11.02
N GLY D 99 -1.54 -8.08 10.94
CA GLY D 99 -0.45 -8.60 10.12
C GLY D 99 0.49 -7.50 9.74
N CYS D 100 1.38 -7.78 8.79
CA CYS D 100 2.42 -6.84 8.42
C CYS D 100 2.78 -6.94 6.94
N ASP D 101 3.33 -5.86 6.41
CA ASP D 101 3.87 -5.86 5.05
C ASP D 101 5.36 -5.56 5.08
N ILE D 102 6.14 -6.23 4.24
CA ILE D 102 7.54 -5.89 4.13
C ILE D 102 7.90 -5.49 2.70
N LEU D 103 8.81 -4.54 2.58
CA LEU D 103 9.30 -4.09 1.28
C LEU D 103 10.82 -4.08 1.32
N GLU D 104 11.43 -4.84 0.40
CA GLU D 104 12.88 -5.02 0.37
C GLU D 104 13.40 -5.52 1.72
N GLY D 105 12.61 -6.34 2.39
CA GLY D 105 13.03 -6.95 3.64
C GLY D 105 12.57 -6.21 4.89
N GLY D 106 12.33 -4.91 4.76
CA GLY D 106 11.95 -4.11 5.90
C GLY D 106 10.45 -3.90 6.02
N PRO D 107 9.94 -3.82 7.26
CA PRO D 107 8.52 -3.60 7.50
C PRO D 107 8.08 -2.23 7.01
N ILE D 108 6.95 -2.18 6.29
CA ILE D 108 6.43 -0.91 5.81
C ILE D 108 5.03 -0.65 6.36
N ARG D 109 4.43 -1.67 6.97
CA ARG D 109 3.24 -1.43 7.79
C ARG D 109 2.92 -2.62 8.67
N GLY D 110 2.17 -2.34 9.74
CA GLY D 110 1.73 -3.34 10.69
C GLY D 110 0.42 -2.87 11.27
N TYR D 111 -0.57 -3.74 11.31
CA TYR D 111 -1.91 -3.34 11.73
C TYR D 111 -2.54 -4.35 12.67
N TYR D 112 -3.56 -3.90 13.39
CA TYR D 112 -4.22 -4.72 14.40
C TYR D 112 -5.55 -4.06 14.73
N GLN D 113 -6.62 -4.54 14.11
CA GLN D 113 -7.92 -3.89 14.22
C GLN D 113 -9.02 -4.91 14.43
N MET D 114 -10.06 -4.51 15.15
CA MET D 114 -11.20 -5.38 15.34
C MET D 114 -12.49 -4.64 15.04
N ALA D 115 -13.49 -5.39 14.59
CA ALA D 115 -14.79 -4.83 14.27
C ALA D 115 -15.87 -5.60 15.01
N TYR D 116 -16.96 -4.92 15.31
CA TYR D 116 -18.13 -5.56 15.89
C TYR D 116 -19.34 -5.29 15.01
N ASP D 117 -20.04 -6.35 14.65
CA ASP D 117 -21.17 -6.27 13.71
C ASP D 117 -20.80 -5.54 12.43
N GLY D 118 -19.61 -5.81 11.90
CA GLY D 118 -19.19 -5.31 10.61
C GLY D 118 -18.73 -3.86 10.58
N ARG D 119 -18.57 -3.26 11.76
CA ARG D 119 -18.11 -1.87 11.82
C ARG D 119 -16.92 -1.71 12.76
N ASP D 120 -16.04 -0.76 12.41
CA ASP D 120 -14.85 -0.47 13.22
C ASP D 120 -15.19 -0.30 14.69
N PHE D 121 -14.42 -0.97 15.54
CA PHE D 121 -14.62 -0.88 16.97
C PHE D 121 -13.36 -0.31 17.61
N THR D 122 -12.24 -0.99 17.39
CA THR D 122 -10.96 -0.50 17.85
C THR D 122 -9.86 -0.82 16.82
N ALA D 123 -8.84 0.03 16.79
CA ALA D 123 -7.72 -0.16 15.88
C ALA D 123 -6.44 0.33 16.52
N PHE D 124 -5.36 -0.42 16.31
CA PHE D 124 -4.06 -0.05 16.87
C PHE D 124 -3.38 1.03 16.04
N ASP D 125 -2.96 2.10 16.71
CA ASP D 125 -2.12 3.11 16.10
C ASP D 125 -0.69 2.92 16.59
N LYS D 126 0.11 2.21 15.81
CA LYS D 126 1.48 1.88 16.20
C LYS D 126 2.32 3.14 16.33
N GLY D 127 1.98 4.17 15.55
CA GLY D 127 2.71 5.42 15.56
C GLY D 127 2.60 6.17 16.87
N THR D 128 1.38 6.34 17.36
CA THR D 128 1.15 7.07 18.60
C THR D 128 1.07 6.13 19.80
N MET D 129 1.26 4.83 19.57
CA MET D 129 1.17 3.81 20.60
C MET D 129 -0.14 3.92 21.37
N THR D 130 -1.22 4.02 20.61
CA THR D 130 -2.55 4.31 21.14
C THR D 130 -3.59 3.47 20.41
N PHE D 131 -4.60 3.00 21.12
CA PHE D 131 -5.72 2.34 20.46
C PHE D 131 -6.84 3.32 20.19
N THR D 132 -7.33 3.34 18.96
CA THR D 132 -8.39 4.24 18.56
C THR D 132 -9.76 3.60 18.80
N ALA D 133 -10.58 4.26 19.60
CA ALA D 133 -11.95 3.80 19.84
C ALA D 133 -12.88 4.45 18.81
N ALA D 134 -13.35 3.66 17.85
CA ALA D 134 -14.17 4.17 16.76
C ALA D 134 -15.59 4.48 17.20
N VAL D 135 -16.00 3.89 18.32
CA VAL D 135 -17.32 4.13 18.89
C VAL D 135 -17.18 4.36 20.39
N PRO D 136 -18.14 5.07 21.00
CA PRO D 136 -18.09 5.31 22.44
C PRO D 136 -18.05 4.00 23.25
N GLU D 137 -18.70 2.95 22.74
CA GLU D 137 -18.74 1.67 23.43
C GLU D 137 -17.36 1.00 23.51
N ALA D 138 -16.41 1.49 22.71
CA ALA D 138 -15.08 0.90 22.66
C ALA D 138 -14.08 1.55 23.64
N VAL D 139 -14.42 2.74 24.13
CA VAL D 139 -13.52 3.49 25.01
C VAL D 139 -13.08 2.71 26.27
N PRO D 140 -14.00 1.97 26.93
CA PRO D 140 -13.52 1.16 28.06
C PRO D 140 -12.48 0.10 27.65
N THR D 141 -12.63 -0.45 26.45
CA THR D 141 -11.65 -1.41 25.96
C THR D 141 -10.32 -0.72 25.67
N LYS D 142 -10.40 0.44 25.04
CA LYS D 142 -9.23 1.29 24.78
C LYS D 142 -8.45 1.55 26.06
N ARG D 143 -9.17 1.93 27.11
CA ARG D 143 -8.55 2.31 28.37
C ARG D 143 -7.90 1.12 29.07
N LYS D 144 -8.56 -0.03 29.06
CA LYS D 144 -8.01 -1.23 29.68
C LYS D 144 -6.75 -1.70 28.98
N TRP D 145 -6.80 -1.73 27.64
CA TRP D 145 -5.69 -2.23 26.84
C TRP D 145 -4.42 -1.40 27.01
N GLU D 146 -4.56 -0.08 26.93
CA GLU D 146 -3.43 0.83 27.10
C GLU D 146 -2.88 0.70 28.52
N GLU D 147 -3.77 0.48 29.48
CA GLU D 147 -3.40 0.32 30.87
C GLU D 147 -2.54 -0.93 31.07
N GLU D 148 -2.83 -1.96 30.29
CA GLU D 148 -2.13 -3.24 30.43
C GLU D 148 -0.99 -3.40 29.42
N SER D 149 -0.56 -2.27 28.85
CA SER D 149 0.58 -2.22 27.93
C SER D 149 0.39 -3.09 26.69
N GLU D 150 -0.83 -3.16 26.18
CA GLU D 150 -1.09 -3.81 24.91
C GLU D 150 -0.38 -3.14 23.72
N PRO D 151 -0.25 -1.79 23.72
CA PRO D 151 0.51 -1.20 22.60
C PRO D 151 1.93 -1.73 22.46
N GLU D 152 2.67 -1.83 23.56
CA GLU D 152 4.03 -2.35 23.51
C GLU D 152 4.04 -3.79 23.02
N ARG D 153 3.08 -4.58 23.50
CA ARG D 153 2.99 -5.99 23.15
C ARG D 153 2.76 -6.18 21.65
N TRP D 154 1.89 -5.36 21.07
CA TRP D 154 1.56 -5.50 19.66
C TRP D 154 2.56 -4.80 18.75
N LYS D 155 3.19 -3.73 19.24
CA LYS D 155 4.28 -3.09 18.53
C LYS D 155 5.39 -4.11 18.30
N ASN D 156 5.72 -4.85 19.35
CA ASN D 156 6.74 -5.87 19.27
C ASN D 156 6.37 -6.99 18.31
N TYR D 157 5.11 -7.42 18.33
CA TYR D 157 4.66 -8.46 17.42
C TYR D 157 4.71 -7.97 15.97
N LEU D 158 4.22 -6.77 15.73
CA LEU D 158 4.08 -6.26 14.37
C LEU D 158 5.42 -5.91 13.72
N GLU D 159 6.39 -5.50 14.54
CA GLU D 159 7.69 -5.06 14.01
C GLU D 159 8.76 -6.15 14.05
N GLU D 160 8.63 -7.11 14.96
CA GLU D 160 9.64 -8.15 15.09
C GLU D 160 9.10 -9.52 14.72
N THR D 161 8.13 -10.00 15.50
CA THR D 161 7.62 -11.36 15.33
C THR D 161 6.96 -11.58 13.97
N CYS D 162 6.01 -10.72 13.64
CA CYS D 162 5.28 -10.84 12.38
C CYS D 162 6.23 -10.79 11.18
N VAL D 163 7.11 -9.79 11.19
CA VAL D 163 8.10 -9.60 10.14
C VAL D 163 9.02 -10.80 9.96
N GLU D 164 9.51 -11.32 11.08
CA GLU D 164 10.49 -12.41 11.05
C GLU D 164 9.86 -13.68 10.48
N TRP D 165 8.62 -13.94 10.83
CA TRP D 165 7.95 -15.13 10.32
C TRP D 165 7.55 -14.97 8.86
N LEU D 166 7.20 -13.76 8.45
CA LEU D 166 6.88 -13.51 7.05
C LEU D 166 8.11 -13.78 6.18
N ARG D 167 9.29 -13.41 6.66
CA ARG D 167 10.53 -13.70 5.96
C ARG D 167 10.69 -15.20 5.73
N ARG D 168 10.42 -15.98 6.77
CA ARG D 168 10.53 -17.44 6.69
C ARG D 168 9.54 -18.02 5.71
N TYR D 169 8.28 -17.59 5.82
CA TYR D 169 7.21 -18.08 4.95
C TYR D 169 7.55 -17.84 3.47
N VAL D 170 8.07 -16.66 3.19
CA VAL D 170 8.45 -16.29 1.83
C VAL D 170 9.52 -17.24 1.30
N GLU D 171 10.51 -17.54 2.13
CA GLU D 171 11.59 -18.45 1.73
C GLU D 171 11.04 -19.86 1.54
N TYR D 172 10.05 -20.24 2.34
CA TYR D 172 9.42 -21.55 2.24
C TYR D 172 8.69 -21.72 0.91
N GLY D 173 7.90 -20.72 0.55
CA GLY D 173 7.04 -20.83 -0.61
C GLY D 173 7.42 -20.00 -1.82
N LYS D 174 8.69 -19.59 -1.91
CA LYS D 174 9.19 -18.75 -3.00
C LYS D 174 8.83 -19.27 -4.38
N ALA D 175 9.09 -20.55 -4.62
CA ALA D 175 8.83 -21.18 -5.90
C ALA D 175 7.34 -21.18 -6.23
N GLU D 176 6.52 -21.59 -5.26
CA GLU D 176 5.08 -21.69 -5.49
C GLU D 176 4.41 -20.31 -5.55
N LEU D 177 4.81 -19.40 -4.67
CA LEU D 177 4.26 -18.05 -4.67
C LEU D 177 4.60 -17.31 -5.96
N GLY D 178 5.76 -17.63 -6.54
CA GLY D 178 6.22 -16.95 -7.73
C GLY D 178 5.89 -17.64 -9.05
N ARG D 179 5.08 -18.69 -9.00
CA ARG D 179 4.70 -19.41 -10.21
C ARG D 179 3.80 -18.56 -11.11
N ARG D 180 3.67 -18.98 -12.37
CA ARG D 180 2.76 -18.33 -13.31
C ARG D 180 1.86 -19.36 -13.96
N GLU D 181 0.56 -19.07 -14.02
CA GLU D 181 -0.37 -19.90 -14.78
C GLU D 181 -1.12 -19.05 -15.80
N ARG D 182 -0.99 -19.41 -17.07
CA ARG D 182 -1.62 -18.65 -18.15
C ARG D 182 -3.12 -18.90 -18.23
N PRO D 183 -3.89 -17.81 -18.37
CA PRO D 183 -5.34 -17.92 -18.49
C PRO D 183 -5.75 -18.46 -19.85
N GLU D 184 -6.89 -19.16 -19.90
CA GLU D 184 -7.52 -19.44 -21.18
C GLU D 184 -8.64 -18.42 -21.36
N VAL D 185 -8.68 -17.80 -22.53
CA VAL D 185 -9.58 -16.67 -22.75
C VAL D 185 -10.63 -16.99 -23.81
N ARG D 186 -11.87 -16.62 -23.52
CA ARG D 186 -12.93 -16.71 -24.52
C ARG D 186 -13.68 -15.38 -24.62
N VAL D 187 -13.89 -14.94 -25.86
CA VAL D 187 -14.71 -13.77 -26.12
C VAL D 187 -16.07 -14.24 -26.63
N TRP D 188 -17.14 -13.69 -26.07
CA TRP D 188 -18.49 -14.11 -26.41
C TRP D 188 -19.38 -12.90 -26.66
N GLY D 189 -20.16 -12.95 -27.72
CA GLY D 189 -21.01 -11.83 -28.09
C GLY D 189 -22.49 -12.18 -28.03
N LYS D 190 -23.32 -11.16 -27.82
CA LYS D 190 -24.76 -11.34 -27.77
C LYS D 190 -25.50 -10.06 -28.16
N GLU D 191 -26.41 -10.20 -29.11
CA GLU D 191 -27.22 -9.08 -29.61
C GLU D 191 -28.57 -9.01 -28.91
N ALA D 192 -28.86 -7.86 -28.30
CA ALA D 192 -30.12 -7.65 -27.60
C ALA D 192 -30.45 -6.16 -27.47
N ASP D 193 -31.70 -5.81 -27.75
CA ASP D 193 -32.18 -4.44 -27.70
C ASP D 193 -31.38 -3.52 -28.62
N GLY D 194 -30.95 -4.07 -29.76
CA GLY D 194 -30.18 -3.31 -30.73
C GLY D 194 -28.77 -3.01 -30.25
N ILE D 195 -28.33 -3.74 -29.23
CA ILE D 195 -27.02 -3.52 -28.64
C ILE D 195 -26.21 -4.82 -28.60
N LEU D 196 -24.99 -4.77 -29.14
CA LEU D 196 -24.11 -5.93 -29.10
C LEU D 196 -23.22 -5.91 -27.87
N THR D 197 -23.49 -6.82 -26.94
CA THR D 197 -22.70 -6.91 -25.72
C THR D 197 -21.60 -7.95 -25.86
N LEU D 198 -20.36 -7.48 -25.94
CA LEU D 198 -19.21 -8.36 -26.02
C LEU D 198 -18.65 -8.62 -24.63
N SER D 199 -18.41 -9.89 -24.31
CA SER D 199 -17.79 -10.23 -23.04
C SER D 199 -16.46 -10.93 -23.30
N CYS D 200 -15.52 -10.74 -22.38
CA CYS D 200 -14.23 -11.41 -22.44
C CYS D 200 -13.90 -12.01 -21.09
N ARG D 201 -13.73 -13.33 -21.06
CA ARG D 201 -13.43 -14.04 -19.82
C ARG D 201 -12.05 -14.67 -19.83
N ALA D 202 -11.26 -14.39 -18.80
CA ALA D 202 -9.98 -15.04 -18.61
C ALA D 202 -10.09 -16.09 -17.51
N HIS D 203 -9.87 -17.35 -17.86
CA HIS D 203 -10.04 -18.46 -16.92
C HIS D 203 -8.72 -18.99 -16.37
N GLY D 204 -8.57 -18.99 -15.05
CA GLY D 204 -7.48 -19.70 -14.40
C GLY D 204 -6.09 -19.07 -14.50
N PHE D 205 -5.98 -17.81 -14.13
CA PHE D 205 -4.67 -17.16 -14.15
C PHE D 205 -4.11 -17.00 -12.73
N TYR D 206 -2.79 -17.06 -12.64
CA TYR D 206 -2.06 -16.74 -11.41
C TYR D 206 -0.74 -16.09 -11.83
N PRO D 207 -0.33 -15.01 -11.15
CA PRO D 207 -0.93 -14.41 -9.96
C PRO D 207 -2.20 -13.58 -10.23
N ARG D 208 -2.78 -13.08 -9.15
CA ARG D 208 -4.05 -12.36 -9.18
C ARG D 208 -4.07 -11.09 -10.07
N PRO D 209 -3.06 -10.21 -9.96
CA PRO D 209 -3.16 -8.97 -10.74
C PRO D 209 -3.19 -9.20 -12.25
N ILE D 210 -4.07 -8.47 -12.94
CA ILE D 210 -4.31 -8.66 -14.35
C ILE D 210 -5.02 -7.45 -14.94
N VAL D 211 -4.82 -7.20 -16.23
CA VAL D 211 -5.61 -6.22 -16.96
C VAL D 211 -6.32 -6.88 -18.15
N VAL D 212 -7.64 -6.76 -18.19
CA VAL D 212 -8.40 -7.21 -19.35
C VAL D 212 -9.08 -6.00 -20.00
N SER D 213 -8.60 -5.62 -21.18
CA SER D 213 -9.05 -4.40 -21.84
C SER D 213 -9.75 -4.67 -23.16
N TRP D 214 -10.64 -3.75 -23.54
CA TRP D 214 -11.27 -3.79 -24.84
C TRP D 214 -10.63 -2.78 -25.78
N LEU D 215 -10.20 -3.26 -26.94
CA LEU D 215 -9.66 -2.38 -27.98
C LEU D 215 -10.62 -2.32 -29.17
N LYS D 216 -11.04 -1.12 -29.54
CA LYS D 216 -11.87 -0.94 -30.73
C LYS D 216 -10.98 -0.50 -31.88
N ASP D 217 -10.94 -1.32 -32.93
CA ASP D 217 -10.01 -1.18 -34.07
C ASP D 217 -8.65 -0.60 -33.70
N GLY D 218 -8.08 -1.05 -32.58
CA GLY D 218 -6.73 -0.66 -32.20
C GLY D 218 -6.62 0.29 -31.02
N ALA D 219 -7.73 0.94 -30.66
CA ALA D 219 -7.71 1.92 -29.58
C ALA D 219 -8.44 1.42 -28.34
N VAL D 220 -7.86 1.68 -27.17
CA VAL D 220 -8.48 1.31 -25.90
C VAL D 220 -9.80 2.04 -25.70
N ARG D 221 -10.86 1.29 -25.44
CA ARG D 221 -12.15 1.91 -25.20
C ARG D 221 -12.76 1.45 -23.88
N GLY D 222 -12.74 2.33 -22.88
CA GLY D 222 -13.24 2.01 -21.56
C GLY D 222 -14.42 2.86 -21.12
N GLN D 223 -15.29 3.22 -22.06
CA GLN D 223 -16.54 3.89 -21.71
C GLN D 223 -17.59 2.85 -21.31
N ASP D 224 -18.31 2.24 -22.25
CA ASP D 224 -19.25 1.19 -21.83
C ASP D 224 -18.49 -0.09 -21.47
N ALA D 225 -17.51 0.00 -20.58
CA ALA D 225 -16.81 -1.19 -20.14
C ALA D 225 -17.19 -1.51 -18.70
N HIS D 226 -17.62 -2.75 -18.46
CA HIS D 226 -17.94 -3.19 -17.11
C HIS D 226 -17.06 -4.39 -16.73
N SER D 227 -16.41 -4.30 -15.57
CA SER D 227 -15.57 -5.38 -15.09
C SER D 227 -16.20 -6.08 -13.89
N GLY D 228 -16.12 -7.41 -13.86
CA GLY D 228 -16.64 -8.16 -12.74
C GLY D 228 -15.62 -8.26 -11.62
N GLY D 229 -14.49 -7.58 -11.79
CA GLY D 229 -13.40 -7.66 -10.83
C GLY D 229 -12.71 -9.01 -10.94
N ILE D 230 -11.81 -9.27 -10.00
CA ILE D 230 -11.08 -10.54 -10.00
C ILE D 230 -11.66 -11.47 -8.95
N VAL D 231 -12.04 -12.66 -9.39
CA VAL D 231 -12.71 -13.62 -8.51
C VAL D 231 -11.98 -14.97 -8.53
N PRO D 232 -12.01 -15.70 -7.41
CA PRO D 232 -11.20 -16.92 -7.32
C PRO D 232 -11.86 -18.15 -7.93
N ASN D 233 -11.02 -19.08 -8.40
CA ASN D 233 -11.46 -20.44 -8.69
C ASN D 233 -11.19 -21.31 -7.47
N GLY D 234 -11.61 -22.56 -7.54
CA GLY D 234 -11.40 -23.48 -6.42
C GLY D 234 -9.97 -23.98 -6.26
N ASP D 235 -9.11 -23.72 -7.25
CA ASP D 235 -7.79 -24.32 -7.29
C ASP D 235 -6.63 -23.34 -7.14
N GLY D 236 -6.88 -22.19 -6.52
CA GLY D 236 -5.83 -21.21 -6.29
C GLY D 236 -5.55 -20.30 -7.47
N THR D 237 -6.23 -20.54 -8.59
CA THR D 237 -6.14 -19.64 -9.75
C THR D 237 -7.30 -18.66 -9.72
N TYR D 238 -7.31 -17.72 -10.67
CA TYR D 238 -8.31 -16.66 -10.63
C TYR D 238 -9.09 -16.52 -11.94
N HIS D 239 -10.11 -15.67 -11.89
CA HIS D 239 -11.05 -15.49 -12.98
C HIS D 239 -11.47 -14.02 -13.05
N THR D 240 -11.69 -13.51 -14.24
CA THR D 240 -12.29 -12.18 -14.39
C THR D 240 -13.01 -12.06 -15.72
N TRP D 241 -14.04 -11.23 -15.76
CA TRP D 241 -14.72 -10.96 -17.03
C TRP D 241 -14.99 -9.47 -17.20
N VAL D 242 -14.90 -9.03 -18.44
CA VAL D 242 -15.16 -7.64 -18.79
C VAL D 242 -16.11 -7.59 -19.97
N THR D 243 -17.13 -6.73 -19.88
CA THR D 243 -18.08 -6.58 -20.97
C THR D 243 -18.00 -5.22 -21.60
N ILE D 244 -18.55 -5.12 -22.81
CA ILE D 244 -18.66 -3.85 -23.50
C ILE D 244 -19.84 -3.89 -24.46
N ASP D 245 -20.64 -2.84 -24.49
CA ASP D 245 -21.72 -2.74 -25.45
C ASP D 245 -21.23 -2.00 -26.68
N ALA D 246 -21.53 -2.55 -27.85
CA ALA D 246 -21.21 -1.90 -29.10
C ALA D 246 -22.42 -1.92 -30.02
N GLN D 247 -22.26 -1.39 -31.22
CA GLN D 247 -23.32 -1.45 -32.21
C GLN D 247 -23.29 -2.82 -32.88
N PRO D 248 -24.46 -3.30 -33.34
CA PRO D 248 -24.65 -4.65 -33.90
C PRO D 248 -23.54 -5.12 -34.85
N GLY D 249 -23.00 -4.21 -35.65
CA GLY D 249 -22.00 -4.60 -36.63
C GLY D 249 -20.56 -4.38 -36.19
N ASP D 250 -20.36 -4.14 -34.90
CA ASP D 250 -19.02 -3.83 -34.38
C ASP D 250 -18.26 -5.07 -33.91
N GLY D 251 -18.84 -6.25 -34.07
CA GLY D 251 -18.24 -7.48 -33.56
C GLY D 251 -16.81 -7.73 -34.01
N ASP D 252 -16.52 -7.43 -35.27
CA ASP D 252 -15.21 -7.70 -35.85
C ASP D 252 -14.19 -6.60 -35.58
N LYS D 253 -14.65 -5.48 -35.02
CA LYS D 253 -13.78 -4.34 -34.80
C LYS D 253 -13.18 -4.33 -33.40
N TYR D 254 -13.60 -5.27 -32.56
CA TYR D 254 -13.11 -5.33 -31.19
C TYR D 254 -12.17 -6.48 -30.93
N GLN D 255 -11.15 -6.19 -30.12
CA GLN D 255 -10.29 -7.22 -29.58
C GLN D 255 -10.26 -7.12 -28.07
N CYS D 256 -10.10 -8.26 -27.43
CA CYS D 256 -9.89 -8.30 -25.99
C CYS D 256 -8.40 -8.41 -25.73
N ARG D 257 -7.85 -7.48 -24.94
CA ARG D 257 -6.44 -7.51 -24.61
C ARG D 257 -6.22 -7.96 -23.16
N VAL D 258 -5.40 -8.98 -22.98
CA VAL D 258 -5.10 -9.50 -21.66
C VAL D 258 -3.63 -9.28 -21.31
N GLU D 259 -3.40 -8.47 -20.28
CA GLU D 259 -2.05 -8.19 -19.78
C GLU D 259 -1.85 -8.90 -18.46
N HIS D 260 -0.90 -9.83 -18.42
CA HIS D 260 -0.70 -10.68 -17.26
C HIS D 260 0.75 -11.14 -17.20
N ALA D 261 1.25 -11.40 -16.00
CA ALA D 261 2.65 -11.78 -15.81
C ALA D 261 2.99 -13.10 -16.48
N SER D 262 1.98 -13.93 -16.74
CA SER D 262 2.21 -15.22 -17.38
C SER D 262 2.34 -15.08 -18.90
N LEU D 263 2.04 -13.88 -19.40
CA LEU D 263 2.12 -13.61 -20.84
C LEU D 263 3.21 -12.58 -21.14
N PRO D 264 4.26 -13.00 -21.85
CA PRO D 264 5.36 -12.10 -22.22
C PRO D 264 4.86 -10.88 -22.99
N GLN D 265 3.97 -11.11 -23.96
CA GLN D 265 3.27 -10.03 -24.63
C GLN D 265 1.77 -10.16 -24.35
N PRO D 266 1.05 -9.03 -24.33
CA PRO D 266 -0.41 -9.09 -24.12
C PRO D 266 -1.08 -9.99 -25.14
N GLY D 267 -2.00 -10.83 -24.67
CA GLY D 267 -2.77 -11.67 -25.56
C GLY D 267 -3.92 -10.90 -26.15
N LEU D 268 -4.20 -11.15 -27.43
CA LEU D 268 -5.31 -10.51 -28.13
C LEU D 268 -6.29 -11.56 -28.60
N TYR D 269 -7.57 -11.33 -28.36
CA TYR D 269 -8.58 -12.35 -28.62
C TYR D 269 -9.82 -11.76 -29.31
N SER D 270 -10.39 -12.53 -30.24
CA SER D 270 -11.55 -12.08 -31.00
C SER D 270 -12.73 -13.05 -30.87
N TRP D 271 -13.93 -12.54 -31.17
CA TRP D 271 -15.16 -13.33 -31.10
C TRP D 271 -15.12 -14.53 -32.04
N ASP E 1 -24.72 -0.76 1.59
CA ASP E 1 -25.27 -1.91 0.87
C ASP E 1 -24.45 -3.16 1.15
N LEU E 2 -24.94 -4.00 2.05
CA LEU E 2 -24.23 -5.20 2.46
C LEU E 2 -24.87 -6.47 1.90
N THR E 3 -25.50 -6.35 0.73
CA THR E 3 -26.09 -7.49 0.05
C THR E 3 -25.01 -8.25 -0.73
N PRO E 4 -25.19 -9.57 -0.91
CA PRO E 4 -24.23 -10.36 -1.66
C PRO E 4 -24.11 -9.93 -3.13
N LYS E 5 -22.89 -9.66 -3.58
CA LYS E 5 -22.63 -9.45 -5.01
C LYS E 5 -22.14 -10.77 -5.58
N VAL E 6 -22.91 -11.32 -6.51
CA VAL E 6 -22.75 -12.71 -6.93
C VAL E 6 -22.36 -12.87 -8.40
N GLN E 7 -21.39 -13.73 -8.66
CA GLN E 7 -21.00 -14.07 -10.02
C GLN E 7 -20.98 -15.57 -10.21
N VAL E 8 -21.40 -16.03 -11.37
CA VAL E 8 -21.40 -17.46 -11.69
C VAL E 8 -20.58 -17.68 -12.95
N TYR E 9 -19.74 -18.72 -12.91
CA TYR E 9 -18.75 -18.95 -13.94
C TYR E 9 -18.13 -20.33 -13.79
N SER E 10 -17.57 -20.86 -14.88
CA SER E 10 -16.91 -22.16 -14.82
C SER E 10 -15.40 -22.00 -14.76
N ARG E 11 -14.72 -23.02 -14.21
CA ARG E 11 -13.27 -23.01 -14.11
C ARG E 11 -12.61 -22.87 -15.48
N PHE E 12 -13.04 -23.69 -16.44
CA PHE E 12 -12.54 -23.60 -17.80
C PHE E 12 -13.63 -23.07 -18.73
N PRO E 13 -13.24 -22.53 -19.90
CA PRO E 13 -14.24 -22.25 -20.95
C PRO E 13 -15.06 -23.50 -21.24
N ALA E 14 -16.38 -23.38 -21.13
CA ALA E 14 -17.24 -24.56 -21.13
C ALA E 14 -17.48 -25.15 -22.51
N SER E 15 -17.76 -26.45 -22.54
CA SER E 15 -18.19 -27.14 -23.74
C SER E 15 -19.08 -28.32 -23.35
N ALA E 16 -20.12 -28.54 -24.15
CA ALA E 16 -21.08 -29.61 -23.87
C ALA E 16 -20.38 -30.96 -23.78
N GLY E 17 -20.62 -31.67 -22.69
CA GLY E 17 -20.07 -33.00 -22.51
C GLY E 17 -18.68 -33.04 -21.89
N THR E 18 -18.05 -31.88 -21.73
CA THR E 18 -16.70 -31.84 -21.15
C THR E 18 -16.72 -31.53 -19.66
N LYS E 19 -16.08 -32.39 -18.87
CA LYS E 19 -15.93 -32.19 -17.43
C LYS E 19 -15.40 -30.81 -17.09
N ASN E 20 -16.00 -30.17 -16.10
CA ASN E 20 -15.67 -28.81 -15.72
C ASN E 20 -15.95 -28.59 -14.24
N VAL E 21 -15.81 -27.34 -13.80
CA VAL E 21 -16.15 -26.99 -12.42
C VAL E 21 -17.02 -25.74 -12.45
N LEU E 22 -18.17 -25.81 -11.81
CA LEU E 22 -19.05 -24.65 -11.74
C LEU E 22 -18.79 -23.85 -10.46
N ASN E 23 -18.58 -22.54 -10.61
CA ASN E 23 -18.30 -21.67 -9.46
C ASN E 23 -19.43 -20.70 -9.20
N CYS E 24 -19.72 -20.47 -7.93
CA CYS E 24 -20.56 -19.37 -7.52
C CYS E 24 -19.85 -18.59 -6.42
N PHE E 25 -19.57 -17.32 -6.70
CA PHE E 25 -18.83 -16.48 -5.77
C PHE E 25 -19.67 -15.32 -5.27
N ALA E 26 -19.84 -15.23 -3.96
CA ALA E 26 -20.57 -14.13 -3.35
C ALA E 26 -19.62 -13.30 -2.49
N ALA E 27 -19.70 -11.99 -2.60
CA ALA E 27 -18.82 -11.11 -1.84
C ALA E 27 -19.54 -9.85 -1.36
N GLY E 28 -18.89 -9.12 -0.46
CA GLY E 28 -19.35 -7.82 -0.02
C GLY E 28 -20.54 -7.85 0.92
N PHE E 29 -20.79 -9.00 1.54
CA PHE E 29 -21.99 -9.14 2.36
C PHE E 29 -21.72 -9.23 3.86
N HIS E 30 -22.76 -8.90 4.62
CA HIS E 30 -22.75 -9.00 6.08
C HIS E 30 -24.21 -9.01 6.54
N PRO E 31 -24.56 -9.86 7.52
CA PRO E 31 -23.75 -10.81 8.31
C PRO E 31 -23.17 -11.97 7.50
N PRO E 32 -22.20 -12.71 8.07
CA PRO E 32 -21.52 -13.80 7.36
C PRO E 32 -22.41 -15.00 7.03
N LYS E 33 -23.49 -15.23 7.77
CA LYS E 33 -24.37 -16.34 7.44
C LYS E 33 -24.95 -16.14 6.06
N ILE E 34 -24.84 -17.16 5.23
CA ILE E 34 -25.31 -17.08 3.85
C ILE E 34 -25.60 -18.47 3.31
N SER E 35 -26.60 -18.56 2.46
CA SER E 35 -26.94 -19.81 1.79
C SER E 35 -26.62 -19.70 0.30
N ILE E 36 -25.72 -20.56 -0.18
CA ILE E 36 -25.32 -20.56 -1.57
C ILE E 36 -25.42 -21.98 -2.14
N THR E 37 -26.30 -22.16 -3.12
CA THR E 37 -26.58 -23.50 -3.62
C THR E 37 -26.50 -23.60 -5.14
N LEU E 38 -25.58 -24.43 -5.61
CA LEU E 38 -25.44 -24.70 -7.05
C LEU E 38 -26.57 -25.61 -7.53
N MET E 39 -27.23 -25.21 -8.60
CA MET E 39 -28.39 -25.95 -9.08
C MET E 39 -28.28 -26.35 -10.55
N LYS E 40 -28.79 -27.54 -10.85
CA LYS E 40 -29.00 -27.98 -12.22
C LYS E 40 -30.49 -28.21 -12.45
N ASP E 41 -31.09 -27.34 -13.28
CA ASP E 41 -32.52 -27.42 -13.58
C ASP E 41 -33.37 -27.37 -12.31
N GLY E 42 -33.00 -26.47 -11.40
CA GLY E 42 -33.75 -26.28 -10.17
C GLY E 42 -33.45 -27.30 -9.09
N VAL E 43 -32.56 -28.23 -9.38
CA VAL E 43 -32.16 -29.25 -8.41
C VAL E 43 -30.73 -29.01 -7.94
N PRO E 44 -30.52 -29.01 -6.60
CA PRO E 44 -29.18 -28.82 -6.05
C PRO E 44 -28.19 -29.86 -6.57
N MET E 45 -27.01 -29.41 -6.96
CA MET E 45 -25.99 -30.29 -7.49
C MET E 45 -25.25 -31.00 -6.36
N GLU E 46 -24.66 -32.15 -6.67
CA GLU E 46 -23.93 -32.93 -5.67
C GLU E 46 -22.44 -32.61 -5.72
N GLY E 47 -21.76 -32.84 -4.59
CA GLY E 47 -20.32 -32.68 -4.52
C GLY E 47 -19.85 -31.25 -4.33
N ALA E 48 -20.77 -30.36 -3.95
CA ALA E 48 -20.44 -28.94 -3.80
C ALA E 48 -19.45 -28.71 -2.66
N GLN E 49 -18.48 -27.84 -2.92
CA GLN E 49 -17.45 -27.48 -1.95
C GLN E 49 -17.61 -26.01 -1.54
N TYR E 50 -17.31 -25.73 -0.28
CA TYR E 50 -17.51 -24.39 0.27
C TYR E 50 -16.20 -23.85 0.86
N SER E 51 -15.83 -22.63 0.48
CA SER E 51 -14.64 -21.99 1.02
C SER E 51 -14.84 -21.65 2.49
N ASP E 52 -13.77 -21.70 3.27
CA ASP E 52 -13.86 -21.31 4.68
C ASP E 52 -14.15 -19.83 4.78
N MET E 53 -14.84 -19.43 5.85
CA MET E 53 -15.33 -18.07 5.99
C MET E 53 -14.18 -17.05 6.02
N SER E 54 -14.21 -16.13 5.08
CA SER E 54 -13.18 -15.09 4.98
C SER E 54 -13.80 -13.73 4.70
N PHE E 55 -13.05 -12.67 4.96
CA PHE E 55 -13.54 -11.32 4.69
C PHE E 55 -12.43 -10.39 4.24
N ASN E 56 -12.82 -9.25 3.68
CA ASN E 56 -11.86 -8.31 3.12
C ASN E 56 -11.66 -7.08 3.98
N ASP E 57 -10.89 -6.13 3.46
CA ASP E 57 -10.47 -4.95 4.23
C ASP E 57 -11.61 -4.09 4.75
N ASP E 58 -12.77 -4.14 4.10
CA ASP E 58 -13.93 -3.38 4.56
C ASP E 58 -14.81 -4.19 5.51
N TRP E 59 -14.25 -5.29 6.02
CA TRP E 59 -14.92 -6.23 6.93
C TRP E 59 -16.03 -7.07 6.28
N THR E 60 -16.38 -6.79 5.03
CA THR E 60 -17.44 -7.57 4.38
C THR E 60 -16.92 -8.95 4.01
N PHE E 61 -17.83 -9.93 4.03
CA PHE E 61 -17.46 -11.33 3.84
C PHE E 61 -17.55 -11.78 2.39
N GLN E 62 -16.96 -12.93 2.11
CA GLN E 62 -17.01 -13.53 0.78
C GLN E 62 -17.00 -15.05 0.90
N ARG E 63 -17.56 -15.73 -0.09
CA ARG E 63 -17.57 -17.18 -0.10
C ARG E 63 -17.64 -17.76 -1.50
N LEU E 64 -16.78 -18.73 -1.77
CA LEU E 64 -16.80 -19.45 -3.04
C LEU E 64 -17.42 -20.82 -2.86
N VAL E 65 -18.34 -21.15 -3.77
CA VAL E 65 -18.89 -22.50 -3.83
C VAL E 65 -18.60 -23.10 -5.21
N HIS E 66 -17.98 -24.28 -5.22
CA HIS E 66 -17.63 -24.92 -6.49
C HIS E 66 -17.93 -26.41 -6.47
N ALA E 67 -18.30 -26.94 -7.63
CA ALA E 67 -18.62 -28.36 -7.75
C ALA E 67 -18.26 -28.88 -9.14
N ASP E 68 -17.67 -30.07 -9.18
CA ASP E 68 -17.46 -30.76 -10.45
C ASP E 68 -18.80 -30.91 -11.17
N PHE E 69 -18.79 -30.69 -12.48
CA PHE E 69 -19.99 -30.93 -13.28
C PHE E 69 -19.60 -31.12 -14.73
N THR E 70 -20.49 -31.77 -15.48
CA THR E 70 -20.36 -31.89 -16.91
C THR E 70 -21.55 -31.21 -17.54
N PRO E 71 -21.36 -29.97 -18.02
CA PRO E 71 -22.46 -29.16 -18.58
C PRO E 71 -23.16 -29.86 -19.74
N SER E 72 -24.45 -30.14 -19.56
CA SER E 72 -25.25 -30.76 -20.61
C SER E 72 -25.96 -29.69 -21.42
N SER E 73 -25.97 -29.85 -22.74
CA SER E 73 -26.73 -28.96 -23.59
C SER E 73 -28.21 -29.06 -23.24
N GLY E 74 -28.89 -27.91 -23.22
CA GLY E 74 -30.31 -27.89 -22.93
C GLY E 74 -30.64 -27.96 -21.45
N SER E 75 -29.63 -27.83 -20.61
CA SER E 75 -29.85 -27.73 -19.16
C SER E 75 -29.54 -26.32 -18.67
N THR E 76 -30.23 -25.91 -17.61
CA THR E 76 -29.99 -24.61 -17.01
C THR E 76 -29.24 -24.76 -15.70
N TYR E 77 -28.09 -24.11 -15.61
CA TYR E 77 -27.30 -24.15 -14.38
C TYR E 77 -27.33 -22.79 -13.71
N ALA E 78 -27.57 -22.79 -12.41
CA ALA E 78 -27.73 -21.54 -11.67
C ALA E 78 -27.23 -21.63 -10.24
N CYS E 79 -27.14 -20.47 -9.62
CA CYS E 79 -26.74 -20.37 -8.23
C CYS E 79 -27.83 -19.68 -7.42
N LYS E 80 -28.35 -20.37 -6.41
CA LYS E 80 -29.40 -19.85 -5.55
C LYS E 80 -28.82 -19.24 -4.28
N VAL E 81 -28.96 -17.93 -4.10
CA VAL E 81 -28.38 -17.24 -2.96
C VAL E 81 -29.45 -16.66 -2.02
N GLU E 82 -29.34 -17.00 -0.73
CA GLU E 82 -30.23 -16.46 0.29
C GLU E 82 -29.43 -15.78 1.39
N HIS E 83 -29.86 -14.59 1.78
CA HIS E 83 -29.17 -13.78 2.77
C HIS E 83 -30.17 -12.88 3.49
N GLU E 84 -29.86 -12.51 4.73
CA GLU E 84 -30.76 -11.67 5.54
C GLU E 84 -31.05 -10.32 4.89
N THR E 85 -30.14 -9.84 4.06
CA THR E 85 -30.30 -8.54 3.42
C THR E 85 -31.15 -8.64 2.16
N LEU E 86 -31.57 -9.85 1.82
CA LEU E 86 -32.37 -10.08 0.63
C LEU E 86 -33.83 -10.38 0.96
N LYS E 87 -34.74 -9.76 0.20
CA LYS E 87 -36.17 -9.98 0.34
C LYS E 87 -36.51 -11.44 0.08
N GLU E 88 -35.94 -11.98 -0.99
CA GLU E 88 -36.20 -13.35 -1.40
C GLU E 88 -34.93 -13.98 -1.97
N PRO E 89 -34.90 -15.32 -2.07
CA PRO E 89 -33.78 -16.00 -2.74
C PRO E 89 -33.48 -15.40 -4.12
N GLN E 90 -32.22 -15.10 -4.38
CA GLN E 90 -31.81 -14.60 -5.69
C GLN E 90 -31.16 -15.72 -6.50
N VAL E 91 -31.65 -15.92 -7.71
CA VAL E 91 -31.12 -16.95 -8.59
C VAL E 91 -30.26 -16.33 -9.67
N TYR E 92 -28.99 -16.76 -9.74
CA TYR E 92 -28.07 -16.25 -10.75
C TYR E 92 -27.76 -17.33 -11.77
N LYS E 93 -28.17 -17.09 -13.01
CA LYS E 93 -28.05 -18.08 -14.06
C LYS E 93 -26.66 -18.06 -14.69
N TRP E 94 -26.08 -19.24 -14.86
CA TRP E 94 -24.80 -19.40 -15.53
C TRP E 94 -24.95 -19.30 -17.05
N ASP E 95 -24.14 -18.44 -17.66
CA ASP E 95 -24.07 -18.37 -19.11
C ASP E 95 -22.94 -19.27 -19.61
N PRO E 96 -23.28 -20.39 -20.25
CA PRO E 96 -22.28 -21.35 -20.71
C PRO E 96 -21.34 -20.77 -21.78
N GLU E 97 -21.81 -19.72 -22.46
CA GLU E 97 -21.06 -19.06 -23.53
C GLU E 97 -20.68 -20.03 -24.64
N PHE E 98 -21.59 -20.97 -24.92
CA PHE E 98 -21.48 -21.83 -26.10
C PHE E 98 -22.88 -22.26 -26.54
N ALA F 1 3.06 -16.42 12.06
CA ALA F 1 2.72 -16.88 13.40
C ALA F 1 1.61 -16.02 13.99
N VAL F 2 0.60 -16.67 14.54
CA VAL F 2 -0.52 -15.97 15.11
C VAL F 2 -0.23 -15.34 16.45
N LYS F 3 -1.20 -14.65 16.98
CA LYS F 3 -1.09 -14.07 18.28
C LYS F 3 -2.44 -14.01 18.98
N GLY F 4 -2.46 -14.04 20.30
CA GLY F 4 -3.67 -13.93 21.08
C GLY F 4 -4.26 -12.54 20.97
N VAL F 5 -5.54 -12.46 20.61
CA VAL F 5 -6.20 -11.18 20.46
C VAL F 5 -6.61 -10.63 21.82
N GLY F 6 -7.17 -9.42 21.84
CA GLY F 6 -7.50 -8.76 23.08
C GLY F 6 -8.85 -9.14 23.64
N THR F 7 -9.07 -8.79 24.91
CA THR F 7 -10.35 -9.03 25.58
C THR F 7 -11.14 -7.73 25.69
N MET F 8 -12.36 -7.75 25.22
CA MET F 8 -13.21 -6.59 25.31
C MET F 8 -13.58 -6.20 26.75
N VAL F 9 -14.21 -5.04 26.90
CA VAL F 9 -14.68 -4.59 28.19
C VAL F 9 -16.17 -4.22 28.14
#